data_6EZG
#
_entry.id   6EZG
#
_cell.length_a   91.711
_cell.length_b   106.996
_cell.length_c   150.494
_cell.angle_alpha   90.00
_cell.angle_beta   90.00
_cell.angle_gamma   90.00
#
_symmetry.space_group_name_H-M   'P 21 21 21'
#
loop_
_entity.id
_entity.type
_entity.pdbx_description
1 polymer Acetylcholinesterase
2 non-polymer 2-acetamido-2-deoxy-beta-D-glucopyranose
3 non-polymer 1-(7-chloranyl-4-methoxy-1~{H}-indol-5-yl)-3-[1-(phenylmethyl)piperidin-4-yl]propan-1-one
4 non-polymer DI(HYDROXYETHYL)ETHER
5 water water
#
_entity_poly.entity_id   1
_entity_poly.type   'polypeptide(L)'
_entity_poly.pdbx_seq_one_letter_code
;DDHSELLVNTKSGKVMGTRVPVLSSHISAFLGIPFAEPPVGNMRFRRPEPKKPWSGVWNASTYPNNCQQYVDEQFPGFSG
SEMWNPNREMSEDCLYLNIWVPSPRPKSTTVMVWIYGGGFYSGSSTLDVYNGKYLAYTEEVVLVSLSYRVGAFGFLALHG
SQEAPGNVGLLDQRMALQWVHDNIQFFGGDPKTVTIFGESAGGASVGMHILSPGSRDLFRRAILQSGSPNCPWASVSVAE
GRRRAVELGRNLNCNLNSDEELIHCLREKKPQELIDVEWNVLPFDSIFRFSFVPVIDGEFFPTSLESMLNSGNFKKTQIL
LGVNKDEGSFFLLYGAPGFSKDSESKISREDFMSGVKLSVPHANDLGLDAVTLQYTDWMDDNNGIKNRDGLDDIVGDHNV
ICPLMHFVNKYTKFGNGTYLYFFNHRASNLVWPEWMGVIHGYEIEFVFGLPLVKELNYTAEEEALSRRIMHYWATFAKTG
NPNEPHSQESKWPLFTTKEQKFIDLNTEPMKVHQRLRVQMCVFWNQFLPKLLNATAC
;
_entity_poly.pdbx_strand_id   A,B
#
# COMPACT_ATOMS: atom_id res chain seq x y z
N SER A 4 -33.00 -21.99 -51.71
CA SER A 4 -31.60 -22.02 -52.11
C SER A 4 -30.68 -21.85 -50.91
N GLU A 5 -29.50 -21.28 -51.16
CA GLU A 5 -28.50 -21.10 -50.13
C GLU A 5 -28.70 -19.78 -49.39
N LEU A 6 -29.25 -18.79 -50.08
CA LEU A 6 -29.46 -17.46 -49.50
C LEU A 6 -30.89 -17.25 -49.05
N LEU A 7 -31.75 -18.21 -49.35
CA LEU A 7 -33.14 -18.14 -48.95
C LEU A 7 -33.40 -19.13 -47.85
N VAL A 8 -33.71 -18.61 -46.67
CA VAL A 8 -33.91 -19.46 -45.50
C VAL A 8 -35.25 -19.17 -44.85
N ASN A 9 -36.00 -20.24 -44.59
CA ASN A 9 -37.28 -20.13 -43.91
C ASN A 9 -37.08 -20.34 -42.43
N THR A 10 -37.46 -19.35 -41.63
CA THR A 10 -37.27 -19.44 -40.20
C THR A 10 -38.62 -19.55 -39.55
N LYS A 11 -38.65 -19.81 -38.25
CA LYS A 11 -39.91 -20.00 -37.55
C LYS A 11 -40.79 -18.75 -37.60
N SER A 12 -40.22 -17.62 -38.01
CA SER A 12 -40.97 -16.37 -38.03
C SER A 12 -41.27 -15.89 -39.45
N GLY A 13 -40.69 -16.55 -40.44
CA GLY A 13 -40.90 -16.17 -41.82
C GLY A 13 -39.65 -16.34 -42.64
N LYS A 14 -39.76 -16.04 -43.93
CA LYS A 14 -38.64 -16.19 -44.84
C LYS A 14 -37.74 -14.96 -44.83
N VAL A 15 -36.44 -15.21 -44.99
CA VAL A 15 -35.44 -14.16 -45.08
C VAL A 15 -34.54 -14.49 -46.25
N MET A 16 -34.11 -13.45 -46.96
CA MET A 16 -33.21 -13.60 -48.08
C MET A 16 -31.89 -12.90 -47.80
N GLY A 17 -30.81 -13.67 -47.79
CA GLY A 17 -29.50 -13.11 -47.52
C GLY A 17 -28.86 -12.56 -48.79
N THR A 18 -27.55 -12.35 -48.73
CA THR A 18 -26.79 -11.81 -49.84
C THR A 18 -25.38 -12.42 -49.84
N ARG A 19 -24.79 -12.59 -51.02
CA ARG A 19 -23.46 -13.21 -51.11
C ARG A 19 -22.36 -12.18 -51.01
N VAL A 20 -21.53 -12.27 -49.97
CA VAL A 20 -20.48 -11.27 -49.79
C VAL A 20 -19.10 -11.85 -50.05
N PRO A 21 -18.20 -11.01 -50.58
CA PRO A 21 -16.80 -11.41 -50.71
C PRO A 21 -16.10 -11.37 -49.34
N VAL A 22 -15.09 -12.21 -49.20
CA VAL A 22 -14.23 -12.17 -48.03
C VAL A 22 -12.90 -12.78 -48.43
N LEU A 23 -11.86 -11.96 -48.46
CA LEU A 23 -10.52 -12.40 -48.80
C LEU A 23 -10.50 -13.30 -50.04
N SER A 24 -10.81 -12.72 -51.21
CA SER A 24 -10.76 -13.47 -52.47
C SER A 24 -11.56 -14.77 -52.43
N SER A 25 -12.70 -14.73 -51.74
CA SER A 25 -13.65 -15.84 -51.69
C SER A 25 -15.01 -15.25 -51.36
N HIS A 26 -15.94 -16.09 -50.90
CA HIS A 26 -17.29 -15.61 -50.62
C HIS A 26 -17.94 -16.39 -49.47
N ILE A 27 -18.84 -15.74 -48.76
CA ILE A 27 -19.72 -16.43 -47.82
C ILE A 27 -21.09 -15.76 -47.80
N SER A 28 -22.05 -16.40 -47.15
CA SER A 28 -23.40 -15.87 -47.05
C SER A 28 -23.57 -14.96 -45.85
N ALA A 29 -24.35 -13.89 -46.01
CA ALA A 29 -24.63 -12.98 -44.91
C ALA A 29 -26.11 -12.64 -44.85
N PHE A 30 -26.72 -12.82 -43.69
CA PHE A 30 -28.09 -12.36 -43.48
C PHE A 30 -28.11 -11.21 -42.49
N LEU A 31 -28.30 -10.00 -43.03
CA LEU A 31 -28.16 -8.79 -42.25
C LEU A 31 -29.51 -8.21 -41.87
N GLY A 32 -29.60 -7.71 -40.63
CA GLY A 32 -30.77 -7.00 -40.18
C GLY A 32 -32.03 -7.86 -40.04
N ILE A 33 -31.87 -9.06 -39.46
CA ILE A 33 -33.02 -9.91 -39.20
C ILE A 33 -33.68 -9.44 -37.92
N PRO A 34 -34.99 -9.19 -37.96
CA PRO A 34 -35.71 -8.72 -36.77
C PRO A 34 -35.98 -9.83 -35.77
N PHE A 35 -35.65 -9.62 -34.49
CA PHE A 35 -35.87 -10.68 -33.50
C PHE A 35 -36.88 -10.26 -32.45
N ALA A 36 -37.29 -9.00 -32.48
CA ALA A 36 -38.31 -8.52 -31.55
C ALA A 36 -39.26 -7.55 -32.26
N GLU A 37 -40.36 -7.23 -31.60
CA GLU A 37 -41.21 -6.15 -32.09
C GLU A 37 -40.48 -4.84 -31.81
N PRO A 38 -40.58 -3.87 -32.72
CA PRO A 38 -40.00 -2.55 -32.48
C PRO A 38 -40.45 -2.00 -31.15
N PRO A 39 -39.50 -1.71 -30.25
CA PRO A 39 -39.88 -1.29 -28.91
C PRO A 39 -40.20 0.20 -28.89
N VAL A 40 -41.23 0.60 -29.63
CA VAL A 40 -41.50 2.03 -29.82
C VAL A 40 -42.82 2.48 -29.21
N GLY A 41 -42.98 3.80 -29.13
CA GLY A 41 -44.20 4.38 -28.57
C GLY A 41 -44.44 3.91 -27.16
N ASN A 42 -45.59 3.28 -26.95
CA ASN A 42 -45.94 2.76 -25.63
C ASN A 42 -45.09 1.59 -25.19
N MET A 43 -44.25 1.07 -26.09
CA MET A 43 -43.37 -0.03 -25.73
C MET A 43 -41.98 0.46 -25.33
N ARG A 44 -41.78 1.77 -25.34
CA ARG A 44 -40.51 2.29 -24.83
C ARG A 44 -40.36 1.93 -23.33
N PHE A 45 -39.20 1.40 -22.97
CA PHE A 45 -38.84 1.02 -21.58
C PHE A 45 -39.40 -0.33 -21.18
N ARG A 46 -40.21 -0.93 -22.07
CA ARG A 46 -40.90 -2.17 -21.78
C ARG A 46 -40.05 -3.37 -22.19
N ARG A 47 -40.28 -4.50 -21.53
CA ARG A 47 -39.69 -5.77 -21.98
C ARG A 47 -39.96 -5.98 -23.46
N PRO A 48 -39.01 -6.60 -24.17
CA PRO A 48 -39.17 -6.89 -25.60
C PRO A 48 -40.26 -7.93 -25.84
N GLU A 49 -41.02 -7.78 -26.92
CA GLU A 49 -41.96 -8.81 -27.37
C GLU A 49 -41.39 -9.50 -28.62
N PRO A 50 -41.56 -10.84 -28.72
CA PRO A 50 -41.01 -11.53 -29.89
C PRO A 50 -41.58 -10.96 -31.18
N LYS A 51 -40.76 -10.95 -32.22
CA LYS A 51 -41.15 -10.41 -33.50
C LYS A 51 -42.28 -11.28 -34.04
N LYS A 52 -43.39 -10.65 -34.40
CA LYS A 52 -44.51 -11.39 -35.00
C LYS A 52 -44.14 -11.78 -36.42
N PRO A 53 -44.51 -13.00 -36.81
CA PRO A 53 -44.19 -13.55 -38.14
C PRO A 53 -44.70 -12.68 -39.27
N TRP A 54 -43.96 -12.68 -40.37
CA TRP A 54 -44.29 -11.88 -41.54
C TRP A 54 -44.55 -12.80 -42.74
N SER A 55 -45.40 -12.38 -43.65
CA SER A 55 -45.55 -13.12 -44.89
C SER A 55 -44.53 -12.56 -45.87
N GLY A 56 -44.21 -13.33 -46.90
CA GLY A 56 -43.22 -12.89 -47.87
C GLY A 56 -41.79 -13.04 -47.38
N VAL A 57 -40.88 -12.39 -48.11
CA VAL A 57 -39.46 -12.60 -47.90
C VAL A 57 -38.80 -11.34 -47.34
N TRP A 58 -38.26 -11.47 -46.13
CA TRP A 58 -37.54 -10.37 -45.49
C TRP A 58 -36.25 -10.10 -46.26
N ASN A 59 -36.06 -8.86 -46.66
CA ASN A 59 -34.83 -8.45 -47.31
C ASN A 59 -33.75 -8.30 -46.23
N ALA A 60 -32.91 -9.32 -46.10
CA ALA A 60 -31.85 -9.33 -45.11
C ALA A 60 -30.52 -9.06 -45.80
N SER A 61 -30.56 -8.15 -46.76
CA SER A 61 -29.38 -7.85 -47.57
C SER A 61 -28.53 -6.71 -47.02
N THR A 62 -29.10 -5.88 -46.13
CA THR A 62 -28.36 -4.73 -45.60
C THR A 62 -28.44 -4.57 -44.07
N TYR A 63 -27.40 -3.98 -43.47
CA TYR A 63 -27.39 -3.66 -42.05
C TYR A 63 -28.63 -2.89 -41.59
N PRO A 64 -29.08 -3.16 -40.36
CA PRO A 64 -30.20 -2.47 -39.69
C PRO A 64 -29.83 -1.07 -39.18
N ASN A 65 -30.83 -0.32 -38.75
CA ASN A 65 -30.64 0.90 -37.98
C ASN A 65 -29.88 0.58 -36.70
N ASN A 66 -29.18 1.58 -36.16
CA ASN A 66 -28.58 1.47 -34.82
C ASN A 66 -29.52 2.01 -33.77
N CYS A 67 -29.39 1.53 -32.54
CA CYS A 67 -30.23 2.01 -31.45
C CYS A 67 -29.91 3.47 -31.12
N GLN A 68 -30.86 4.16 -30.49
CA GLN A 68 -30.69 5.56 -30.15
C GLN A 68 -29.67 5.71 -29.04
N GLN A 69 -28.69 6.57 -29.25
CA GLN A 69 -27.59 6.66 -28.30
C GLN A 69 -26.82 7.99 -28.39
N TYR A 70 -26.15 8.34 -27.29
CA TYR A 70 -25.17 9.40 -27.30
C TYR A 70 -24.15 9.15 -28.40
N VAL A 71 -23.83 10.18 -29.16
CA VAL A 71 -22.84 10.09 -30.22
C VAL A 71 -21.61 10.91 -29.84
N ASP A 72 -20.43 10.34 -30.02
CA ASP A 72 -19.20 11.01 -29.59
C ASP A 72 -18.68 12.00 -30.64
N GLU A 73 -18.69 13.28 -30.31
CA GLU A 73 -18.23 14.31 -31.25
C GLU A 73 -16.97 15.01 -30.76
N GLN A 74 -16.28 14.37 -29.83
CA GLN A 74 -15.05 14.91 -29.26
C GLN A 74 -13.99 15.21 -30.30
N PHE A 75 -13.78 14.27 -31.22
CA PHE A 75 -12.75 14.40 -32.23
C PHE A 75 -13.33 14.17 -33.62
N PRO A 76 -13.94 15.21 -34.20
CA PRO A 76 -14.68 15.11 -35.47
C PRO A 76 -13.77 14.71 -36.62
N GLY A 77 -14.17 13.70 -37.38
CA GLY A 77 -13.34 13.21 -38.47
C GLY A 77 -12.25 12.26 -38.04
N PHE A 78 -12.03 12.12 -36.73
CA PHE A 78 -10.98 11.26 -36.22
C PHE A 78 -11.44 9.82 -36.12
N SER A 79 -10.72 8.93 -36.81
CA SER A 79 -11.16 7.54 -36.94
C SER A 79 -11.05 6.73 -35.66
N GLY A 80 -10.21 7.18 -34.73
CA GLY A 80 -10.01 6.48 -33.48
C GLY A 80 -11.24 6.54 -32.59
N SER A 81 -12.00 7.63 -32.71
CA SER A 81 -13.24 7.75 -31.95
C SER A 81 -14.44 7.42 -32.80
N GLU A 82 -14.42 7.82 -34.07
CA GLU A 82 -15.60 7.67 -34.92
C GLU A 82 -15.85 6.20 -35.32
N MET A 83 -14.82 5.36 -35.30
CA MET A 83 -15.01 3.94 -35.60
C MET A 83 -15.96 3.28 -34.60
N TRP A 84 -16.22 3.94 -33.47
CA TRP A 84 -17.10 3.40 -32.44
C TRP A 84 -18.51 4.00 -32.50
N ASN A 85 -18.69 5.07 -33.27
CA ASN A 85 -20.00 5.72 -33.43
C ASN A 85 -20.94 4.95 -34.36
N PRO A 86 -22.26 5.14 -34.19
CA PRO A 86 -23.23 4.51 -35.08
C PRO A 86 -22.94 4.87 -36.52
N ASN A 87 -22.86 3.88 -37.40
CA ASN A 87 -22.58 4.14 -38.81
C ASN A 87 -23.82 3.83 -39.65
N ARG A 88 -24.97 3.76 -38.99
CA ARG A 88 -26.25 3.65 -39.66
C ARG A 88 -27.20 4.63 -38.97
N GLU A 89 -28.35 4.87 -39.56
CA GLU A 89 -29.35 5.75 -38.96
C GLU A 89 -29.74 5.24 -37.57
N MET A 90 -29.91 6.14 -36.61
CA MET A 90 -30.37 5.73 -35.28
C MET A 90 -31.89 5.69 -35.24
N SER A 91 -32.43 4.71 -34.56
CA SER A 91 -33.87 4.54 -34.45
C SER A 91 -34.19 3.67 -33.25
N GLU A 92 -35.30 3.93 -32.58
CA GLU A 92 -35.75 3.02 -31.52
C GLU A 92 -36.15 1.67 -32.12
N ASP A 93 -36.35 1.66 -33.44
CA ASP A 93 -36.64 0.44 -34.19
C ASP A 93 -35.29 -0.19 -34.54
N CYS A 94 -34.69 -0.91 -33.59
CA CYS A 94 -33.29 -1.30 -33.74
C CYS A 94 -32.96 -2.71 -33.28
N LEU A 95 -33.98 -3.46 -32.87
CA LEU A 95 -33.75 -4.81 -32.40
C LEU A 95 -33.61 -5.81 -33.55
N TYR A 96 -32.42 -5.87 -34.11
CA TYR A 96 -32.11 -6.79 -35.19
C TYR A 96 -30.81 -7.54 -34.92
N LEU A 97 -30.61 -8.65 -35.63
CA LEU A 97 -29.37 -9.41 -35.55
C LEU A 97 -28.82 -9.70 -36.95
N ASN A 98 -27.52 -10.00 -37.01
CA ASN A 98 -26.84 -10.31 -38.27
C ASN A 98 -26.18 -11.68 -38.21
N ILE A 99 -26.10 -12.35 -39.36
CA ILE A 99 -25.55 -13.71 -39.40
C ILE A 99 -24.66 -13.95 -40.63
N TRP A 100 -23.44 -14.39 -40.39
CA TRP A 100 -22.55 -14.83 -41.46
C TRP A 100 -22.46 -16.35 -41.46
N VAL A 101 -22.78 -16.95 -42.60
CA VAL A 101 -22.77 -18.40 -42.76
C VAL A 101 -21.74 -18.82 -43.81
N PRO A 102 -20.82 -19.71 -43.44
CA PRO A 102 -19.83 -20.13 -44.44
C PRO A 102 -20.49 -20.78 -45.66
N SER A 103 -19.85 -20.64 -46.81
CA SER A 103 -20.38 -21.20 -48.04
C SER A 103 -19.45 -22.27 -48.57
N PRO A 104 -19.97 -23.48 -48.82
CA PRO A 104 -21.40 -23.82 -48.67
C PRO A 104 -21.84 -23.96 -47.21
N ARG A 105 -23.15 -24.06 -46.98
CA ARG A 105 -23.70 -24.09 -45.64
C ARG A 105 -23.34 -25.38 -44.87
N PRO A 106 -22.65 -25.23 -43.74
CA PRO A 106 -22.27 -26.44 -43.01
C PRO A 106 -23.48 -27.14 -42.38
N LYS A 107 -23.25 -28.33 -41.83
CA LYS A 107 -24.25 -29.03 -41.04
C LYS A 107 -23.86 -28.91 -39.58
N SER A 108 -24.78 -28.40 -38.75
CA SER A 108 -24.58 -28.35 -37.31
C SER A 108 -23.15 -27.91 -36.89
N THR A 109 -22.78 -26.67 -37.20
CA THR A 109 -21.45 -26.17 -36.85
C THR A 109 -21.51 -25.30 -35.61
N THR A 110 -20.36 -25.11 -34.95
CA THR A 110 -20.27 -24.20 -33.81
C THR A 110 -20.82 -22.81 -34.12
N VAL A 111 -21.59 -22.25 -33.20
CA VAL A 111 -22.11 -20.89 -33.33
C VAL A 111 -21.46 -19.94 -32.31
N MET A 112 -21.10 -18.75 -32.76
CA MET A 112 -20.60 -17.69 -31.88
C MET A 112 -21.47 -16.43 -32.01
N VAL A 113 -21.95 -15.95 -30.86
CA VAL A 113 -22.84 -14.81 -30.83
C VAL A 113 -22.14 -13.61 -30.16
N TRP A 114 -21.96 -12.55 -30.92
CA TRP A 114 -21.25 -11.37 -30.46
C TRP A 114 -22.20 -10.34 -29.83
N ILE A 115 -21.82 -9.85 -28.67
CA ILE A 115 -22.57 -8.82 -27.96
C ILE A 115 -21.71 -7.58 -27.80
N TYR A 116 -22.07 -6.48 -28.45
CA TYR A 116 -21.20 -5.32 -28.41
C TYR A 116 -21.13 -4.62 -27.04
N GLY A 117 -20.02 -3.93 -26.81
CA GLY A 117 -19.84 -3.13 -25.62
C GLY A 117 -20.25 -1.70 -25.86
N GLY A 118 -19.85 -0.80 -24.97
CA GLY A 118 -20.21 0.61 -25.10
C GLY A 118 -20.85 1.16 -23.84
N GLY A 119 -20.49 0.59 -22.69
CA GLY A 119 -20.85 1.17 -21.40
C GLY A 119 -22.32 1.06 -21.08
N PHE A 120 -23.02 0.21 -21.84
CA PHE A 120 -24.48 0.11 -21.79
C PHE A 120 -25.22 1.41 -22.25
N TYR A 121 -24.48 2.43 -22.69
CA TYR A 121 -25.12 3.67 -23.13
C TYR A 121 -25.00 3.84 -24.65
N SER A 122 -24.30 2.91 -25.28
CA SER A 122 -24.00 3.04 -26.70
C SER A 122 -23.53 1.70 -27.29
N GLY A 123 -23.23 1.70 -28.59
CA GLY A 123 -22.77 0.51 -29.27
C GLY A 123 -23.68 0.15 -30.43
N SER A 124 -23.10 -0.42 -31.48
CA SER A 124 -23.85 -0.90 -32.62
C SER A 124 -23.27 -2.23 -33.10
N SER A 125 -24.15 -3.09 -33.63
CA SER A 125 -23.74 -4.38 -34.18
C SER A 125 -23.09 -4.22 -35.55
N THR A 126 -23.15 -3.00 -36.10
CA THR A 126 -22.86 -2.76 -37.51
C THR A 126 -21.51 -2.09 -37.76
N LEU A 127 -20.74 -1.85 -36.70
CA LEU A 127 -19.41 -1.28 -36.82
C LEU A 127 -18.53 -2.13 -37.71
N ASP A 128 -17.62 -1.48 -38.43
CA ASP A 128 -16.63 -2.16 -39.24
C ASP A 128 -15.82 -3.22 -38.47
N VAL A 129 -15.45 -2.97 -37.20
CA VAL A 129 -14.64 -3.96 -36.47
C VAL A 129 -15.44 -5.17 -36.01
N TYR A 130 -16.77 -5.10 -36.13
CA TYR A 130 -17.61 -6.24 -35.75
C TYR A 130 -18.05 -7.01 -37.00
N ASN A 131 -17.50 -6.66 -38.15
CA ASN A 131 -17.78 -7.38 -39.40
C ASN A 131 -17.49 -8.88 -39.26
N GLY A 132 -18.53 -9.69 -39.20
CA GLY A 132 -18.34 -11.10 -38.93
C GLY A 132 -17.73 -11.98 -40.00
N LYS A 133 -17.51 -11.45 -41.20
CA LYS A 133 -17.22 -12.33 -42.34
C LYS A 133 -15.87 -13.05 -42.22
N TYR A 134 -14.87 -12.34 -41.69
CA TYR A 134 -13.52 -12.91 -41.63
C TYR A 134 -13.42 -14.10 -40.68
N LEU A 135 -14.00 -13.96 -39.49
CA LEU A 135 -13.95 -15.00 -38.48
C LEU A 135 -14.85 -16.17 -38.88
N ALA A 136 -16.00 -15.86 -39.45
CA ALA A 136 -16.94 -16.90 -39.91
C ALA A 136 -16.31 -17.72 -41.03
N TYR A 137 -15.65 -17.03 -41.95
CA TYR A 137 -14.96 -17.68 -43.05
C TYR A 137 -13.76 -18.47 -42.57
N THR A 138 -12.85 -17.78 -41.90
CA THR A 138 -11.58 -18.38 -41.52
C THR A 138 -11.74 -19.58 -40.62
N GLU A 139 -12.62 -19.46 -39.63
CA GLU A 139 -12.78 -20.52 -38.65
C GLU A 139 -13.97 -21.42 -38.93
N GLU A 140 -14.69 -21.15 -40.01
CA GLU A 140 -15.85 -21.96 -40.41
C GLU A 140 -16.84 -22.13 -39.27
N VAL A 141 -17.31 -20.99 -38.75
CA VAL A 141 -18.31 -20.97 -37.70
C VAL A 141 -19.47 -20.11 -38.18
N VAL A 142 -20.64 -20.32 -37.58
CA VAL A 142 -21.77 -19.44 -37.85
C VAL A 142 -21.76 -18.34 -36.83
N LEU A 143 -21.54 -17.12 -37.30
CA LEU A 143 -21.34 -15.97 -36.44
C LEU A 143 -22.51 -15.00 -36.44
N VAL A 144 -23.07 -14.78 -35.25
CA VAL A 144 -24.18 -13.86 -35.04
C VAL A 144 -23.76 -12.64 -34.22
N SER A 145 -24.21 -11.46 -34.64
CA SER A 145 -24.08 -10.26 -33.84
C SER A 145 -25.48 -9.74 -33.54
N LEU A 146 -25.81 -9.63 -32.25
CA LEU A 146 -27.15 -9.18 -31.88
C LEU A 146 -27.11 -7.68 -31.63
N SER A 147 -28.21 -7.13 -31.14
CA SER A 147 -28.24 -5.72 -30.72
C SER A 147 -29.19 -5.62 -29.56
N TYR A 148 -29.11 -4.53 -28.82
CA TYR A 148 -29.96 -4.36 -27.66
C TYR A 148 -30.10 -2.88 -27.36
N ARG A 149 -31.18 -2.51 -26.69
CA ARG A 149 -31.40 -1.13 -26.31
C ARG A 149 -30.36 -0.68 -25.30
N VAL A 150 -29.85 0.54 -25.48
CA VAL A 150 -28.88 1.11 -24.58
C VAL A 150 -29.43 2.39 -23.96
N GLY A 151 -28.68 2.95 -23.01
CA GLY A 151 -29.10 4.17 -22.33
C GLY A 151 -30.42 3.98 -21.61
N ALA A 152 -31.17 5.06 -21.46
CA ALA A 152 -32.46 4.99 -20.78
C ALA A 152 -33.44 4.00 -21.47
N PHE A 153 -33.30 3.86 -22.79
CA PHE A 153 -34.22 3.02 -23.55
C PHE A 153 -34.08 1.55 -23.14
N GLY A 154 -32.89 1.18 -22.70
CA GLY A 154 -32.61 -0.19 -22.31
C GLY A 154 -32.55 -0.41 -20.82
N PHE A 155 -32.32 0.64 -20.04
CA PHE A 155 -31.98 0.38 -18.65
C PHE A 155 -32.60 1.32 -17.62
N LEU A 156 -33.46 2.22 -18.07
CA LEU A 156 -34.31 2.97 -17.16
C LEU A 156 -35.00 2.01 -16.22
N ALA A 157 -34.72 2.11 -14.93
CA ALA A 157 -35.25 1.15 -13.97
C ALA A 157 -36.12 1.84 -12.92
N LEU A 158 -37.39 1.50 -12.95
CA LEU A 158 -38.34 1.91 -11.92
C LEU A 158 -38.90 0.62 -11.33
N HIS A 159 -38.10 -0.03 -10.50
CA HIS A 159 -38.43 -1.35 -9.95
C HIS A 159 -39.79 -1.37 -9.30
N GLY A 160 -40.60 -2.37 -9.67
CA GLY A 160 -41.97 -2.48 -9.19
C GLY A 160 -42.96 -2.20 -10.31
N SER A 161 -42.55 -1.37 -11.26
CA SER A 161 -43.36 -1.05 -12.42
C SER A 161 -43.19 -2.13 -13.47
N GLN A 162 -44.26 -2.51 -14.14
CA GLN A 162 -44.11 -3.47 -15.22
C GLN A 162 -43.90 -2.72 -16.52
N GLU A 163 -44.04 -1.40 -16.47
CA GLU A 163 -43.93 -0.59 -17.67
C GLU A 163 -42.49 -0.17 -17.93
N ALA A 164 -41.73 0.01 -16.84
CA ALA A 164 -40.30 0.27 -16.95
C ALA A 164 -39.57 -0.45 -15.82
N PRO A 165 -39.46 -1.78 -15.94
CA PRO A 165 -38.91 -2.69 -14.91
C PRO A 165 -37.38 -2.59 -14.72
N GLY A 166 -36.68 -2.13 -15.75
CA GLY A 166 -35.23 -2.19 -15.75
C GLY A 166 -34.74 -3.43 -16.50
N ASN A 167 -33.48 -3.41 -16.92
CA ASN A 167 -32.84 -4.56 -17.54
C ASN A 167 -33.41 -4.99 -18.89
N VAL A 168 -34.25 -4.16 -19.51
CA VAL A 168 -34.88 -4.65 -20.74
C VAL A 168 -33.84 -4.80 -21.84
N GLY A 169 -32.74 -4.08 -21.75
CA GLY A 169 -31.66 -4.28 -22.70
C GLY A 169 -31.06 -5.68 -22.59
N LEU A 170 -30.99 -6.20 -21.38
CA LEU A 170 -30.47 -7.54 -21.20
C LEU A 170 -31.50 -8.56 -21.72
N LEU A 171 -32.77 -8.28 -21.48
CA LEU A 171 -33.86 -9.07 -22.02
C LEU A 171 -33.90 -9.06 -23.55
N ASP A 172 -33.53 -7.92 -24.17
CA ASP A 172 -33.38 -7.88 -25.64
C ASP A 172 -32.32 -8.91 -26.04
N GLN A 173 -31.17 -8.86 -25.38
CA GLN A 173 -30.09 -9.82 -25.63
C GLN A 173 -30.61 -11.26 -25.47
N ARG A 174 -31.31 -11.52 -24.36
CA ARG A 174 -31.87 -12.85 -24.11
C ARG A 174 -32.81 -13.27 -25.25
N MET A 175 -33.69 -12.36 -25.67
CA MET A 175 -34.61 -12.67 -26.76
C MET A 175 -33.89 -12.99 -28.06
N ALA A 176 -32.78 -12.30 -28.31
CA ALA A 176 -32.01 -12.59 -29.51
C ALA A 176 -31.37 -13.98 -29.39
N LEU A 177 -30.91 -14.34 -28.19
CA LEU A 177 -30.33 -15.67 -27.93
C LEU A 177 -31.37 -16.76 -28.13
N GLN A 178 -32.54 -16.54 -27.54
CA GLN A 178 -33.66 -17.42 -27.70
C GLN A 178 -34.00 -17.61 -29.18
N TRP A 179 -33.88 -16.53 -29.95
CA TRP A 179 -34.13 -16.62 -31.38
C TRP A 179 -33.09 -17.52 -32.07
N VAL A 180 -31.82 -17.37 -31.68
CA VAL A 180 -30.73 -18.17 -32.23
C VAL A 180 -30.97 -19.66 -31.91
N HIS A 181 -31.32 -19.93 -30.66
CA HIS A 181 -31.71 -21.24 -30.19
C HIS A 181 -32.75 -21.91 -31.08
N ASP A 182 -33.69 -21.11 -31.56
CA ASP A 182 -34.87 -21.61 -32.25
C ASP A 182 -34.69 -21.71 -33.77
N ASN A 183 -33.78 -20.90 -34.31
CA ASN A 183 -33.68 -20.77 -35.77
C ASN A 183 -32.31 -21.05 -36.38
N ILE A 184 -31.26 -21.07 -35.56
CA ILE A 184 -29.92 -21.09 -36.11
C ILE A 184 -29.64 -22.41 -36.83
N GLN A 185 -30.35 -23.48 -36.43
CA GLN A 185 -30.26 -24.77 -37.13
C GLN A 185 -30.53 -24.61 -38.62
N PHE A 186 -31.41 -23.67 -38.97
CA PHE A 186 -31.84 -23.49 -40.35
C PHE A 186 -30.74 -22.79 -41.16
N PHE A 187 -29.74 -22.28 -40.45
CA PHE A 187 -28.63 -21.57 -41.08
C PHE A 187 -27.37 -22.42 -41.08
N GLY A 188 -27.47 -23.61 -40.51
CA GLY A 188 -26.35 -24.54 -40.45
C GLY A 188 -25.66 -24.53 -39.11
N GLY A 189 -26.29 -23.88 -38.13
CA GLY A 189 -25.72 -23.77 -36.80
C GLY A 189 -26.27 -24.76 -35.81
N ASP A 190 -25.41 -25.27 -34.95
CA ASP A 190 -25.79 -26.15 -33.87
C ASP A 190 -26.24 -25.35 -32.65
N PRO A 191 -27.55 -25.38 -32.35
CA PRO A 191 -28.07 -24.64 -31.20
C PRO A 191 -27.60 -25.20 -29.87
N LYS A 192 -26.98 -26.39 -29.89
CA LYS A 192 -26.42 -26.97 -28.67
C LYS A 192 -24.96 -26.56 -28.46
N THR A 193 -24.38 -25.85 -29.43
CA THR A 193 -23.01 -25.39 -29.27
C THR A 193 -22.87 -23.90 -29.64
N VAL A 194 -23.57 -23.07 -28.86
CA VAL A 194 -23.48 -21.62 -29.04
C VAL A 194 -22.54 -21.01 -28.01
N THR A 195 -21.60 -20.21 -28.48
CA THR A 195 -20.76 -19.42 -27.57
C THR A 195 -21.18 -17.96 -27.66
N ILE A 196 -21.53 -17.38 -26.52
CA ILE A 196 -21.72 -15.94 -26.45
C ILE A 196 -20.39 -15.30 -26.09
N PHE A 197 -20.10 -14.18 -26.75
CA PHE A 197 -18.89 -13.45 -26.45
C PHE A 197 -19.07 -11.96 -26.72
N GLY A 198 -18.35 -11.15 -25.96
CA GLY A 198 -18.46 -9.70 -26.07
C GLY A 198 -17.43 -8.94 -25.25
N GLU A 199 -17.30 -7.65 -25.56
CA GLU A 199 -16.26 -6.84 -24.99
C GLU A 199 -16.84 -5.71 -24.15
N SER A 200 -16.15 -5.40 -23.06
CA SER A 200 -16.55 -4.32 -22.14
C SER A 200 -17.96 -4.55 -21.62
N ALA A 201 -18.86 -3.60 -21.85
CA ALA A 201 -20.26 -3.81 -21.49
C ALA A 201 -20.77 -5.14 -22.04
N GLY A 202 -20.28 -5.54 -23.21
CA GLY A 202 -20.63 -6.82 -23.80
C GLY A 202 -20.10 -8.00 -22.98
N GLY A 203 -18.87 -7.87 -22.48
CA GLY A 203 -18.30 -8.88 -21.60
C GLY A 203 -19.05 -9.01 -20.28
N ALA A 204 -19.27 -7.88 -19.60
CA ALA A 204 -20.18 -7.86 -18.46
C ALA A 204 -21.49 -8.59 -18.82
N SER A 205 -22.09 -8.21 -19.95
CA SER A 205 -23.35 -8.82 -20.41
C SER A 205 -23.26 -10.34 -20.43
N VAL A 206 -22.18 -10.86 -21.03
CA VAL A 206 -21.98 -12.29 -21.14
C VAL A 206 -21.95 -12.98 -19.77
N GLY A 207 -21.30 -12.33 -18.81
CA GLY A 207 -21.27 -12.84 -17.46
C GLY A 207 -22.61 -12.71 -16.75
N MET A 208 -23.37 -11.68 -17.09
CA MET A 208 -24.69 -11.56 -16.49
C MET A 208 -25.62 -12.68 -16.94
N HIS A 209 -25.45 -13.13 -18.19
CA HIS A 209 -26.24 -14.26 -18.68
C HIS A 209 -25.77 -15.57 -18.07
N ILE A 210 -24.52 -15.61 -17.63
CA ILE A 210 -24.01 -16.75 -16.90
C ILE A 210 -24.69 -16.80 -15.53
N LEU A 211 -24.90 -15.65 -14.94
CA LEU A 211 -25.55 -15.57 -13.64
C LEU A 211 -27.07 -15.74 -13.71
N SER A 212 -27.71 -15.20 -14.75
CA SER A 212 -29.17 -15.19 -14.79
C SER A 212 -29.74 -16.54 -15.15
N PRO A 213 -30.54 -17.13 -14.24
CA PRO A 213 -31.19 -18.42 -14.49
C PRO A 213 -31.95 -18.44 -15.82
N GLY A 214 -32.68 -17.36 -16.10
CA GLY A 214 -33.44 -17.26 -17.34
C GLY A 214 -32.62 -17.28 -18.64
N SER A 215 -31.31 -17.07 -18.54
CA SER A 215 -30.48 -17.07 -19.75
C SER A 215 -29.60 -18.31 -19.92
N ARG A 216 -29.37 -19.05 -18.85
CA ARG A 216 -28.37 -20.12 -18.86
C ARG A 216 -28.58 -21.18 -19.94
N ASP A 217 -29.83 -21.53 -20.21
CA ASP A 217 -30.08 -22.62 -21.15
C ASP A 217 -29.99 -22.19 -22.60
N LEU A 218 -29.65 -20.92 -22.84
CA LEU A 218 -29.65 -20.39 -24.21
C LEU A 218 -28.27 -20.30 -24.84
N PHE A 219 -27.28 -20.91 -24.19
CA PHE A 219 -25.91 -20.94 -24.75
C PHE A 219 -25.07 -22.03 -24.08
N ARG A 220 -23.99 -22.43 -24.73
CA ARG A 220 -23.12 -23.48 -24.26
C ARG A 220 -21.94 -22.96 -23.39
N ARG A 221 -21.16 -22.01 -23.92
CA ARG A 221 -20.05 -21.42 -23.16
C ARG A 221 -19.94 -19.92 -23.40
N ALA A 222 -18.98 -19.28 -22.71
CA ALA A 222 -18.88 -17.84 -22.70
C ALA A 222 -17.44 -17.33 -22.81
N ILE A 223 -17.29 -16.26 -23.59
CA ILE A 223 -16.05 -15.51 -23.70
C ILE A 223 -16.34 -14.08 -23.25
N LEU A 224 -15.53 -13.60 -22.32
CA LEU A 224 -15.63 -12.25 -21.75
C LEU A 224 -14.34 -11.48 -22.02
N GLN A 225 -14.44 -10.43 -22.83
CA GLN A 225 -13.31 -9.54 -23.15
C GLN A 225 -13.45 -8.20 -22.41
N SER A 226 -12.56 -7.97 -21.45
CA SER A 226 -12.43 -6.66 -20.80
C SER A 226 -13.72 -6.21 -20.14
N GLY A 227 -14.40 -7.14 -19.51
CA GLY A 227 -15.60 -6.81 -18.78
C GLY A 227 -16.04 -8.04 -18.00
N SER A 228 -16.69 -7.82 -16.87
CA SER A 228 -17.27 -8.89 -16.10
C SER A 228 -18.49 -8.34 -15.38
N PRO A 229 -19.40 -9.22 -14.97
CA PRO A 229 -20.69 -8.77 -14.45
C PRO A 229 -20.56 -7.93 -13.19
N ASN A 230 -19.50 -8.15 -12.42
CA ASN A 230 -19.29 -7.43 -11.18
C ASN A 230 -18.53 -6.09 -11.30
N CYS A 231 -18.27 -5.61 -12.51
CA CYS A 231 -17.59 -4.32 -12.66
C CYS A 231 -18.37 -3.21 -11.96
N PRO A 232 -17.65 -2.24 -11.38
CA PRO A 232 -18.28 -1.20 -10.56
C PRO A 232 -19.24 -0.30 -11.36
N TRP A 233 -19.04 -0.23 -12.67
CA TRP A 233 -19.87 0.59 -13.54
C TRP A 233 -21.02 -0.19 -14.18
N ALA A 234 -21.08 -1.50 -13.91
CA ALA A 234 -21.94 -2.39 -14.70
C ALA A 234 -23.33 -2.60 -14.11
N SER A 235 -23.55 -2.23 -12.86
CA SER A 235 -24.87 -2.40 -12.27
C SER A 235 -25.13 -1.35 -11.20
N VAL A 236 -26.39 -1.19 -10.82
CA VAL A 236 -26.79 -0.30 -9.74
C VAL A 236 -27.88 -1.00 -8.94
N SER A 237 -28.15 -0.51 -7.73
CA SER A 237 -29.25 -1.04 -6.93
C SER A 237 -30.59 -0.55 -7.47
N VAL A 238 -31.70 -1.14 -7.02
CA VAL A 238 -33.00 -0.67 -7.47
C VAL A 238 -33.23 0.75 -6.99
N ALA A 239 -32.76 1.05 -5.79
CA ALA A 239 -32.88 2.40 -5.23
C ALA A 239 -32.17 3.45 -6.08
N GLU A 240 -30.97 3.15 -6.55
CA GLU A 240 -30.19 4.10 -7.33
C GLU A 240 -30.75 4.20 -8.75
N GLY A 241 -31.21 3.08 -9.28
CA GLY A 241 -31.85 3.07 -10.59
C GLY A 241 -33.04 3.99 -10.55
N ARG A 242 -33.83 3.89 -9.49
CA ARG A 242 -35.02 4.71 -9.35
C ARG A 242 -34.65 6.16 -9.18
N ARG A 243 -33.61 6.43 -8.40
CA ARG A 243 -33.16 7.79 -8.18
C ARG A 243 -32.82 8.44 -9.53
N ARG A 244 -32.03 7.75 -10.34
CA ARG A 244 -31.61 8.31 -11.63
C ARG A 244 -32.81 8.43 -12.57
N ALA A 245 -33.76 7.51 -12.45
CA ALA A 245 -34.93 7.55 -13.33
C ALA A 245 -35.76 8.78 -12.99
N VAL A 246 -35.97 8.99 -11.70
CA VAL A 246 -36.71 10.16 -11.24
C VAL A 246 -35.98 11.43 -11.64
N GLU A 247 -34.67 11.47 -11.43
CA GLU A 247 -33.86 12.63 -11.77
C GLU A 247 -33.89 12.89 -13.27
N LEU A 248 -34.02 11.84 -14.07
CA LEU A 248 -34.14 12.02 -15.51
C LEU A 248 -35.44 12.78 -15.80
N GLY A 249 -36.50 12.44 -15.08
CA GLY A 249 -37.76 13.17 -15.20
C GLY A 249 -37.57 14.64 -14.84
N ARG A 250 -37.01 14.88 -13.67
CA ARG A 250 -36.81 16.25 -13.18
C ARG A 250 -36.13 17.10 -14.24
N ASN A 251 -35.04 16.58 -14.81
CA ASN A 251 -34.33 17.29 -15.86
C ASN A 251 -35.18 17.67 -17.05
N LEU A 252 -36.28 16.96 -17.27
CA LEU A 252 -37.12 17.21 -18.44
C LEU A 252 -38.49 17.73 -18.05
N ASN A 253 -38.59 18.23 -16.81
CA ASN A 253 -39.83 18.82 -16.30
C ASN A 253 -41.03 17.87 -16.35
N CYS A 254 -40.79 16.62 -15.97
CA CYS A 254 -41.85 15.64 -15.94
C CYS A 254 -42.67 15.69 -14.66
N ASN A 255 -43.88 15.17 -14.73
CA ASN A 255 -44.68 14.89 -13.55
C ASN A 255 -43.98 13.79 -12.78
N LEU A 256 -43.82 13.95 -11.47
CA LEU A 256 -43.09 12.95 -10.70
C LEU A 256 -43.93 12.32 -9.59
N ASN A 257 -45.24 12.57 -9.62
CA ASN A 257 -46.15 12.08 -8.59
C ASN A 257 -46.19 10.55 -8.50
N SER A 258 -46.02 9.89 -9.64
CA SER A 258 -46.06 8.43 -9.71
C SER A 258 -45.25 7.90 -10.88
N ASP A 259 -44.92 6.61 -10.83
CA ASP A 259 -44.23 5.96 -11.93
C ASP A 259 -44.99 6.16 -13.24
N GLU A 260 -46.28 5.83 -13.23
CA GLU A 260 -47.11 5.96 -14.42
C GLU A 260 -47.07 7.36 -15.04
N GLU A 261 -47.15 8.40 -14.19
CA GLU A 261 -47.08 9.77 -14.69
C GLU A 261 -45.68 10.09 -15.20
N LEU A 262 -44.67 9.68 -14.44
CA LEU A 262 -43.28 9.83 -14.86
C LEU A 262 -43.01 9.13 -16.19
N ILE A 263 -43.50 7.90 -16.31
CA ILE A 263 -43.27 7.11 -17.51
C ILE A 263 -44.03 7.65 -18.70
N HIS A 264 -45.28 8.06 -18.47
CA HIS A 264 -46.08 8.62 -19.55
C HIS A 264 -45.35 9.86 -20.10
N CYS A 265 -44.87 10.70 -19.20
CA CYS A 265 -44.15 11.90 -19.61
C CYS A 265 -42.90 11.57 -20.42
N LEU A 266 -42.06 10.67 -19.89
CA LEU A 266 -40.82 10.28 -20.56
C LEU A 266 -41.08 9.62 -21.91
N ARG A 267 -42.23 8.96 -22.06
CA ARG A 267 -42.57 8.32 -23.33
C ARG A 267 -43.01 9.34 -24.37
N GLU A 268 -43.27 10.57 -23.94
CA GLU A 268 -43.71 11.62 -24.86
C GLU A 268 -42.54 12.35 -25.52
N LYS A 269 -41.36 12.22 -24.92
CA LYS A 269 -40.18 12.96 -25.37
C LYS A 269 -39.52 12.30 -26.57
N LYS A 270 -39.02 13.12 -27.50
CA LYS A 270 -38.19 12.60 -28.58
C LYS A 270 -36.95 11.93 -27.99
N PRO A 271 -36.44 10.88 -28.64
CA PRO A 271 -35.28 10.13 -28.13
C PRO A 271 -34.09 11.03 -27.75
N GLN A 272 -33.77 11.95 -28.63
CA GLN A 272 -32.60 12.79 -28.43
C GLN A 272 -32.77 13.70 -27.21
N GLU A 273 -34.01 14.01 -26.83
CA GLU A 273 -34.26 14.82 -25.65
C GLU A 273 -33.75 14.10 -24.40
N LEU A 274 -33.98 12.79 -24.35
CA LEU A 274 -33.50 11.96 -23.25
C LEU A 274 -31.98 11.92 -23.20
N ILE A 275 -31.38 11.67 -24.35
CA ILE A 275 -29.94 11.57 -24.47
C ILE A 275 -29.22 12.84 -24.05
N ASP A 276 -29.80 14.01 -24.37
CA ASP A 276 -29.15 15.29 -24.06
C ASP A 276 -28.92 15.47 -22.56
N VAL A 277 -29.78 14.87 -21.76
CA VAL A 277 -29.70 15.03 -20.31
C VAL A 277 -29.23 13.74 -19.60
N GLU A 278 -29.01 12.67 -20.37
CA GLU A 278 -28.60 11.36 -19.83
C GLU A 278 -27.52 11.42 -18.75
N TRP A 279 -26.43 12.12 -19.06
CA TRP A 279 -25.28 12.18 -18.16
C TRP A 279 -25.54 13.02 -16.92
N ASN A 280 -26.63 13.77 -16.90
CA ASN A 280 -26.89 14.67 -15.78
C ASN A 280 -27.39 13.94 -14.56
N VAL A 281 -27.70 12.65 -14.68
CA VAL A 281 -28.28 11.93 -13.54
C VAL A 281 -27.24 11.18 -12.70
N LEU A 282 -25.97 11.18 -13.14
CA LEU A 282 -24.92 10.52 -12.36
C LEU A 282 -24.80 11.20 -11.00
N PRO A 283 -24.56 10.41 -9.94
CA PRO A 283 -24.43 10.97 -8.59
C PRO A 283 -23.14 11.75 -8.38
N PHE A 284 -22.12 11.51 -9.20
CA PHE A 284 -20.82 12.14 -9.01
C PHE A 284 -20.20 12.61 -10.31
N ASP A 285 -19.31 13.59 -10.21
CA ASP A 285 -18.32 13.84 -11.24
C ASP A 285 -17.47 12.59 -11.33
N SER A 286 -17.37 11.98 -12.50
CA SER A 286 -16.69 10.70 -12.57
C SER A 286 -16.23 10.32 -13.94
N ILE A 287 -15.31 9.37 -14.01
CA ILE A 287 -15.04 8.72 -15.27
C ILE A 287 -15.27 7.22 -15.14
N PHE A 288 -15.61 6.60 -16.27
CA PHE A 288 -15.96 5.19 -16.30
C PHE A 288 -17.20 4.93 -15.45
N ARG A 289 -18.14 5.86 -15.50
CA ARG A 289 -19.45 5.70 -14.90
C ARG A 289 -20.52 6.05 -15.92
N PHE A 290 -21.58 5.25 -15.99
CA PHE A 290 -22.62 5.41 -17.00
C PHE A 290 -24.01 5.42 -16.36
N SER A 291 -24.92 6.22 -16.91
CA SER A 291 -26.17 6.52 -16.21
C SER A 291 -27.12 5.32 -16.10
N PHE A 292 -27.46 4.71 -17.23
CA PHE A 292 -28.47 3.65 -17.23
C PHE A 292 -27.84 2.31 -17.56
N VAL A 293 -27.85 1.46 -16.54
CA VAL A 293 -27.13 0.19 -16.56
C VAL A 293 -28.01 -0.81 -15.85
N PRO A 294 -27.70 -2.12 -15.98
CA PRO A 294 -28.47 -3.16 -15.32
C PRO A 294 -28.75 -2.91 -13.84
N VAL A 295 -29.93 -3.30 -13.38
CA VAL A 295 -30.27 -3.19 -11.96
C VAL A 295 -30.29 -4.56 -11.31
N ILE A 296 -29.77 -4.65 -10.09
CA ILE A 296 -29.89 -5.85 -9.29
C ILE A 296 -31.30 -5.90 -8.72
N ASP A 297 -32.18 -6.60 -9.43
CA ASP A 297 -33.63 -6.45 -9.26
C ASP A 297 -34.33 -7.59 -8.53
N GLY A 298 -33.61 -8.69 -8.32
CA GLY A 298 -34.20 -9.82 -7.65
C GLY A 298 -34.99 -10.70 -8.61
N GLU A 299 -34.84 -10.47 -9.91
CA GLU A 299 -35.60 -11.22 -10.90
C GLU A 299 -34.74 -11.70 -12.07
N PHE A 300 -34.10 -10.77 -12.77
CA PHE A 300 -33.08 -11.16 -13.73
C PHE A 300 -31.87 -11.67 -12.93
N PHE A 301 -31.55 -10.96 -11.86
CA PHE A 301 -30.60 -11.45 -10.87
C PHE A 301 -31.36 -11.80 -9.59
N PRO A 302 -31.42 -13.09 -9.25
CA PRO A 302 -32.07 -13.59 -8.02
C PRO A 302 -31.61 -12.85 -6.77
N THR A 303 -30.29 -12.76 -6.57
CA THR A 303 -29.77 -12.02 -5.43
C THR A 303 -28.59 -11.16 -5.87
N SER A 304 -27.81 -10.67 -4.91
CA SER A 304 -26.64 -9.86 -5.24
C SER A 304 -25.66 -10.68 -6.06
N LEU A 305 -24.90 -10.03 -6.92
CA LEU A 305 -23.92 -10.74 -7.74
C LEU A 305 -22.89 -11.49 -6.89
N GLU A 306 -22.48 -10.88 -5.79
CA GLU A 306 -21.44 -11.46 -4.96
C GLU A 306 -21.90 -12.78 -4.32
N SER A 307 -23.06 -12.78 -3.68
CA SER A 307 -23.62 -13.99 -3.11
C SER A 307 -23.87 -15.08 -4.17
N MET A 308 -24.25 -14.68 -5.39
CA MET A 308 -24.46 -15.68 -6.43
C MET A 308 -23.13 -16.30 -6.80
N LEU A 309 -22.08 -15.48 -6.87
CA LEU A 309 -20.76 -16.01 -7.17
C LEU A 309 -20.29 -16.91 -6.01
N ASN A 310 -20.60 -16.49 -4.77
CA ASN A 310 -20.20 -17.23 -3.58
C ASN A 310 -20.86 -18.57 -3.44
N SER A 311 -22.17 -18.60 -3.70
CA SER A 311 -22.96 -19.81 -3.55
C SER A 311 -22.88 -20.71 -4.78
N GLY A 312 -22.24 -20.24 -5.84
CA GLY A 312 -22.07 -21.04 -7.03
C GLY A 312 -23.36 -21.08 -7.85
N ASN A 313 -24.27 -20.18 -7.49
CA ASN A 313 -25.52 -20.00 -8.21
C ASN A 313 -25.32 -19.38 -9.61
N PHE A 314 -24.89 -20.18 -10.57
CA PHE A 314 -24.64 -19.68 -11.92
C PHE A 314 -24.32 -20.83 -12.86
N LYS A 315 -24.30 -20.56 -14.16
CA LYS A 315 -24.08 -21.61 -15.16
C LYS A 315 -22.68 -22.16 -15.04
N LYS A 316 -22.59 -23.49 -14.99
CA LYS A 316 -21.30 -24.16 -14.85
C LYS A 316 -20.84 -24.69 -16.18
N THR A 317 -19.76 -24.11 -16.71
CA THR A 317 -19.32 -24.43 -18.07
C THR A 317 -17.89 -23.95 -18.24
N GLN A 318 -17.39 -23.91 -19.47
CA GLN A 318 -16.06 -23.36 -19.73
C GLN A 318 -16.18 -21.86 -20.04
N ILE A 319 -15.27 -21.07 -19.48
CA ILE A 319 -15.15 -19.66 -19.86
C ILE A 319 -13.72 -19.35 -20.34
N LEU A 320 -13.64 -18.38 -21.24
CA LEU A 320 -12.36 -17.89 -21.71
C LEU A 320 -12.44 -16.37 -21.70
N LEU A 321 -11.50 -15.73 -21.00
CA LEU A 321 -11.64 -14.32 -20.71
C LEU A 321 -10.28 -13.65 -20.48
N GLY A 322 -10.26 -12.33 -20.57
CA GLY A 322 -9.03 -11.57 -20.46
C GLY A 322 -9.20 -10.06 -20.53
N VAL A 323 -8.07 -9.35 -20.40
CA VAL A 323 -8.04 -7.90 -20.34
C VAL A 323 -6.93 -7.40 -21.26
N ASN A 324 -6.95 -6.10 -21.58
CA ASN A 324 -5.84 -5.46 -22.28
C ASN A 324 -4.91 -4.75 -21.29
N LYS A 325 -3.70 -4.43 -21.72
CA LYS A 325 -2.72 -3.86 -20.80
C LYS A 325 -3.11 -2.48 -20.27
N ASP A 326 -3.67 -1.63 -21.12
CA ASP A 326 -3.98 -0.27 -20.69
C ASP A 326 -5.45 0.07 -20.84
N GLU A 327 -6.29 -0.64 -20.10
CA GLU A 327 -7.74 -0.49 -20.18
C GLU A 327 -8.19 0.95 -19.89
N GLY A 328 -7.44 1.65 -19.02
CA GLY A 328 -7.90 2.92 -18.49
C GLY A 328 -7.72 4.18 -19.34
N SER A 329 -6.77 4.15 -20.27
CA SER A 329 -6.31 5.39 -20.92
C SER A 329 -7.40 6.14 -21.70
N PHE A 330 -8.25 5.39 -22.39
CA PHE A 330 -9.37 5.97 -23.13
C PHE A 330 -10.20 6.90 -22.27
N PHE A 331 -10.48 6.49 -21.04
CA PHE A 331 -11.37 7.23 -20.17
C PHE A 331 -10.72 8.45 -19.51
N LEU A 332 -9.40 8.40 -19.32
CA LEU A 332 -8.65 9.55 -18.81
C LEU A 332 -8.64 10.65 -19.87
N LEU A 333 -8.48 10.24 -21.12
CA LEU A 333 -8.51 11.13 -22.26
C LEU A 333 -9.79 11.97 -22.28
N TYR A 334 -10.91 11.35 -21.93
CA TYR A 334 -12.21 12.01 -22.08
C TYR A 334 -12.68 12.79 -20.86
N GLY A 335 -12.21 12.42 -19.68
CA GLY A 335 -12.72 13.08 -18.50
C GLY A 335 -11.74 13.59 -17.45
N ALA A 336 -10.43 13.38 -17.61
CA ALA A 336 -9.50 13.79 -16.55
C ALA A 336 -8.53 14.91 -16.98
N PRO A 337 -8.24 15.85 -16.07
CA PRO A 337 -7.38 16.99 -16.40
C PRO A 337 -5.96 16.59 -16.77
N GLY A 338 -5.37 17.29 -17.74
CA GLY A 338 -3.98 17.09 -18.12
C GLY A 338 -3.79 16.13 -19.29
N PHE A 339 -4.86 15.42 -19.64
CA PHE A 339 -4.76 14.44 -20.72
C PHE A 339 -5.19 15.03 -22.05
N SER A 340 -4.45 14.66 -23.10
CA SER A 340 -4.72 15.15 -24.42
C SER A 340 -4.30 14.10 -25.44
N LYS A 341 -5.09 14.01 -26.51
CA LYS A 341 -4.86 13.07 -27.58
C LYS A 341 -3.59 13.42 -28.33
N ASP A 342 -3.20 14.68 -28.25
CA ASP A 342 -2.13 15.24 -29.08
C ASP A 342 -0.83 15.55 -28.32
N SER A 343 -0.72 15.06 -27.09
CA SER A 343 0.52 15.26 -26.33
C SER A 343 0.82 14.05 -25.47
N GLU A 344 2.02 14.03 -24.91
CA GLU A 344 2.44 12.94 -24.03
C GLU A 344 1.58 12.86 -22.79
N SER A 345 0.97 13.97 -22.41
CA SER A 345 0.06 13.98 -21.28
C SER A 345 0.81 13.64 -20.00
N LYS A 346 1.93 14.33 -19.79
CA LYS A 346 2.62 14.29 -18.52
C LYS A 346 1.67 14.93 -17.53
N ILE A 347 1.48 14.26 -16.41
CA ILE A 347 0.47 14.63 -15.45
C ILE A 347 1.10 15.24 -14.19
N SER A 348 0.75 16.48 -13.91
CA SER A 348 1.21 17.17 -12.71
C SER A 348 0.67 16.45 -11.49
N ARG A 349 1.20 16.79 -10.33
CA ARG A 349 0.74 16.18 -9.09
C ARG A 349 -0.69 16.59 -8.77
N GLU A 350 -1.01 17.85 -9.02
CA GLU A 350 -2.36 18.37 -8.81
C GLU A 350 -3.37 17.61 -9.68
N ASP A 351 -3.02 17.38 -10.94
CA ASP A 351 -3.95 16.72 -11.86
C ASP A 351 -4.10 15.24 -11.52
N PHE A 352 -3.06 14.67 -10.93
CA PHE A 352 -3.11 13.29 -10.45
C PHE A 352 -4.13 13.20 -9.32
N MET A 353 -4.04 14.09 -8.36
CA MET A 353 -4.99 14.06 -7.24
C MET A 353 -6.41 14.16 -7.75
N SER A 354 -6.63 15.07 -8.69
CA SER A 354 -7.94 15.28 -9.32
C SER A 354 -8.39 14.02 -10.04
N GLY A 355 -7.50 13.45 -10.84
CA GLY A 355 -7.73 12.16 -11.46
C GLY A 355 -8.22 11.03 -10.55
N VAL A 356 -7.53 10.75 -9.44
CA VAL A 356 -7.95 9.59 -8.63
C VAL A 356 -9.32 9.86 -8.01
N LYS A 357 -9.61 11.11 -7.72
CA LYS A 357 -10.92 11.49 -7.21
C LYS A 357 -12.00 11.21 -8.28
N LEU A 358 -11.72 11.51 -9.55
CA LEU A 358 -12.68 11.21 -10.60
C LEU A 358 -12.81 9.71 -10.81
N SER A 359 -11.72 8.97 -10.60
CA SER A 359 -11.65 7.56 -10.94
C SER A 359 -12.35 6.69 -9.91
N VAL A 360 -12.32 7.14 -8.66
CA VAL A 360 -12.87 6.40 -7.54
C VAL A 360 -13.88 7.29 -6.81
N PRO A 361 -14.96 7.65 -7.53
CA PRO A 361 -15.89 8.71 -7.13
C PRO A 361 -16.53 8.45 -5.79
N HIS A 362 -16.68 7.17 -5.47
CA HIS A 362 -17.42 6.74 -4.31
C HIS A 362 -16.61 6.65 -3.01
N ALA A 363 -15.29 6.85 -3.09
CA ALA A 363 -14.43 6.72 -1.92
C ALA A 363 -14.48 7.94 -1.01
N ASN A 364 -14.40 7.73 0.30
CA ASN A 364 -14.17 8.84 1.21
C ASN A 364 -12.72 9.31 1.06
N ASP A 365 -12.36 10.32 1.84
CA ASP A 365 -11.00 10.87 1.78
C ASP A 365 -9.96 9.81 2.14
N LEU A 366 -10.27 8.96 3.12
CA LEU A 366 -9.33 7.94 3.52
C LEU A 366 -9.09 6.97 2.36
N GLY A 367 -10.18 6.60 1.69
CA GLY A 367 -10.10 5.74 0.52
C GLY A 367 -9.25 6.35 -0.58
N LEU A 368 -9.45 7.64 -0.85
CA LEU A 368 -8.65 8.33 -1.85
C LEU A 368 -7.16 8.35 -1.47
N ASP A 369 -6.87 8.58 -0.19
CA ASP A 369 -5.50 8.51 0.30
C ASP A 369 -4.90 7.10 0.11
N ALA A 370 -5.70 6.07 0.36
CA ALA A 370 -5.25 4.70 0.20
C ALA A 370 -4.86 4.42 -1.24
N VAL A 371 -5.70 4.86 -2.17
CA VAL A 371 -5.45 4.66 -3.59
C VAL A 371 -4.20 5.45 -4.01
N THR A 372 -4.12 6.70 -3.58
CA THR A 372 -2.99 7.55 -3.91
C THR A 372 -1.67 6.93 -3.45
N LEU A 373 -1.66 6.43 -2.22
CA LEU A 373 -0.45 5.81 -1.65
C LEU A 373 -0.05 4.62 -2.49
N GLN A 374 -1.05 3.83 -2.87
CA GLN A 374 -0.83 2.58 -3.54
C GLN A 374 -0.23 2.77 -4.92
N TYR A 375 -0.41 3.94 -5.52
CA TYR A 375 0.05 4.15 -6.88
C TYR A 375 1.01 5.33 -7.04
N THR A 376 1.59 5.79 -5.94
CA THR A 376 2.53 6.90 -5.98
C THR A 376 3.92 6.47 -5.57
N ASP A 377 4.90 6.73 -6.43
CA ASP A 377 6.29 6.50 -6.09
C ASP A 377 6.84 7.75 -5.41
N TRP A 378 7.08 7.65 -4.10
CA TRP A 378 7.43 8.83 -3.30
C TRP A 378 8.91 9.19 -3.31
N MET A 379 9.70 8.41 -4.03
CA MET A 379 11.05 8.84 -4.36
C MET A 379 11.05 9.79 -5.56
N ASP A 380 9.89 9.96 -6.19
CA ASP A 380 9.81 10.57 -7.52
C ASP A 380 8.39 11.01 -7.84
N ASP A 381 7.77 11.77 -6.93
CA ASP A 381 6.33 12.02 -7.01
C ASP A 381 5.97 13.11 -8.03
N ASN A 382 6.96 13.81 -8.55
CA ASN A 382 6.69 14.85 -9.54
C ASN A 382 7.07 14.42 -10.94
N ASN A 383 7.14 13.11 -11.13
CA ASN A 383 7.40 12.52 -12.44
C ASN A 383 6.09 12.46 -13.21
N GLY A 384 5.93 13.35 -14.20
CA GLY A 384 4.69 13.48 -14.94
C GLY A 384 4.29 12.19 -15.64
N ILE A 385 5.27 11.48 -16.19
CA ILE A 385 5.03 10.18 -16.79
C ILE A 385 4.52 9.13 -15.81
N LYS A 386 5.21 8.97 -14.68
CA LYS A 386 4.80 7.98 -13.68
C LYS A 386 3.42 8.32 -13.15
N ASN A 387 3.14 9.61 -13.03
CA ASN A 387 1.82 10.05 -12.62
C ASN A 387 0.74 9.68 -13.64
N ARG A 388 1.08 9.80 -14.93
CA ARG A 388 0.16 9.46 -16.01
C ARG A 388 -0.17 7.97 -15.99
N ASP A 389 0.89 7.17 -15.98
CA ASP A 389 0.76 5.72 -16.05
C ASP A 389 0.08 5.17 -14.81
N GLY A 390 0.31 5.83 -13.67
CA GLY A 390 -0.32 5.45 -12.42
C GLY A 390 -1.82 5.64 -12.46
N LEU A 391 -2.26 6.78 -13.00
CA LEU A 391 -3.68 7.06 -13.19
C LEU A 391 -4.28 6.06 -14.18
N ASP A 392 -3.54 5.81 -15.25
CA ASP A 392 -3.90 4.81 -16.23
C ASP A 392 -4.11 3.45 -15.57
N ASP A 393 -3.17 3.05 -14.72
CA ASP A 393 -3.26 1.77 -14.05
C ASP A 393 -4.44 1.76 -13.10
N ILE A 394 -4.65 2.87 -12.39
CA ILE A 394 -5.75 2.98 -11.44
C ILE A 394 -7.10 2.76 -12.12
N VAL A 395 -7.30 3.44 -13.25
CA VAL A 395 -8.59 3.36 -13.92
C VAL A 395 -8.79 1.94 -14.43
N GLY A 396 -7.78 1.40 -15.11
CA GLY A 396 -7.80 0.04 -15.61
C GLY A 396 -7.98 -1.04 -14.56
N ASP A 397 -7.21 -0.97 -13.48
CA ASP A 397 -7.24 -1.99 -12.43
C ASP A 397 -8.60 -2.03 -11.74
N HIS A 398 -9.13 -0.86 -11.43
CA HIS A 398 -10.37 -0.74 -10.64
C HIS A 398 -11.65 -1.04 -11.43
N ASN A 399 -11.65 -0.67 -12.72
CA ASN A 399 -12.86 -0.79 -13.52
C ASN A 399 -12.93 -2.07 -14.34
N VAL A 400 -11.78 -2.58 -14.77
CA VAL A 400 -11.74 -3.76 -15.61
C VAL A 400 -10.95 -4.92 -15.01
N ILE A 401 -9.66 -4.72 -14.75
CA ILE A 401 -8.79 -5.86 -14.51
C ILE A 401 -9.06 -6.58 -13.19
N CYS A 402 -9.15 -5.86 -12.09
CA CYS A 402 -9.39 -6.53 -10.80
C CYS A 402 -10.83 -7.02 -10.64
N PRO A 403 -11.82 -6.31 -11.22
CA PRO A 403 -13.16 -6.92 -11.16
C PRO A 403 -13.19 -8.23 -11.93
N LEU A 404 -12.52 -8.26 -13.07
CA LEU A 404 -12.45 -9.49 -13.83
C LEU A 404 -11.70 -10.59 -13.05
N MET A 405 -10.61 -10.23 -12.36
CA MET A 405 -9.85 -11.24 -11.64
C MET A 405 -10.68 -11.75 -10.46
N HIS A 406 -11.52 -10.90 -9.88
CA HIS A 406 -12.39 -11.36 -8.81
C HIS A 406 -13.37 -12.40 -9.34
N PHE A 407 -13.85 -12.15 -10.56
CA PHE A 407 -14.83 -13.03 -11.18
C PHE A 407 -14.21 -14.38 -11.49
N VAL A 408 -13.02 -14.35 -12.09
CA VAL A 408 -12.34 -15.55 -12.54
C VAL A 408 -12.02 -16.46 -11.35
N ASN A 409 -11.64 -15.87 -10.22
CA ASN A 409 -11.32 -16.65 -9.04
C ASN A 409 -12.58 -17.25 -8.45
N LYS A 410 -13.66 -16.47 -8.39
CA LYS A 410 -14.91 -17.03 -7.88
C LYS A 410 -15.47 -18.08 -8.84
N TYR A 411 -15.35 -17.86 -10.15
CA TYR A 411 -16.01 -18.74 -11.11
C TYR A 411 -15.32 -20.10 -11.16
N THR A 412 -13.99 -20.07 -11.12
CA THR A 412 -13.17 -21.25 -11.25
C THR A 412 -13.42 -22.30 -10.15
N LYS A 413 -13.85 -21.85 -8.96
CA LYS A 413 -14.22 -22.77 -7.88
C LYS A 413 -15.31 -23.75 -8.29
N PHE A 414 -16.21 -23.32 -9.18
CA PHE A 414 -17.41 -24.09 -9.53
C PHE A 414 -17.46 -24.45 -11.00
N GLY A 415 -16.73 -23.74 -11.84
CA GLY A 415 -16.83 -23.93 -13.28
C GLY A 415 -16.18 -25.21 -13.77
N ASN A 416 -16.23 -25.42 -15.09
CA ASN A 416 -15.69 -26.64 -15.68
C ASN A 416 -14.52 -26.35 -16.62
N GLY A 417 -13.86 -25.22 -16.39
CA GLY A 417 -12.70 -24.85 -17.20
C GLY A 417 -12.56 -23.35 -17.44
N THR A 418 -11.39 -22.82 -17.10
CA THR A 418 -11.13 -21.38 -17.23
C THR A 418 -9.85 -21.12 -18.01
N TYR A 419 -9.94 -20.28 -19.03
CA TYR A 419 -8.74 -19.82 -19.73
C TYR A 419 -8.63 -18.30 -19.68
N LEU A 420 -7.49 -17.82 -19.21
CA LEU A 420 -7.28 -16.42 -18.91
C LEU A 420 -6.18 -15.86 -19.81
N TYR A 421 -6.37 -14.65 -20.33
CA TYR A 421 -5.35 -14.04 -21.17
C TYR A 421 -5.08 -12.58 -20.76
N PHE A 422 -3.94 -12.08 -21.20
CA PHE A 422 -3.53 -10.69 -21.00
C PHE A 422 -3.05 -10.19 -22.34
N PHE A 423 -3.86 -9.36 -22.97
CA PHE A 423 -3.57 -8.86 -24.31
C PHE A 423 -2.77 -7.58 -24.20
N ASN A 424 -1.53 -7.61 -24.70
CA ASN A 424 -0.65 -6.46 -24.60
C ASN A 424 0.13 -6.17 -25.87
N HIS A 425 -0.45 -6.50 -27.01
CA HIS A 425 0.13 -6.05 -28.27
C HIS A 425 -0.35 -4.66 -28.63
N ARG A 426 0.59 -3.77 -28.90
CA ARG A 426 0.27 -2.44 -29.41
C ARG A 426 0.31 -2.46 -30.94
N ALA A 427 -0.85 -2.33 -31.57
CA ALA A 427 -0.95 -2.37 -33.03
C ALA A 427 -0.08 -1.33 -33.70
N SER A 428 0.55 -1.70 -34.80
CA SER A 428 1.50 -0.84 -35.50
C SER A 428 0.83 0.33 -36.21
N ASN A 429 -0.46 0.18 -36.50
CA ASN A 429 -1.20 1.19 -37.25
C ASN A 429 -2.15 2.02 -36.40
N LEU A 430 -1.96 2.00 -35.08
CA LEU A 430 -2.85 2.72 -34.19
C LEU A 430 -2.79 4.23 -34.45
N VAL A 431 -3.94 4.90 -34.36
CA VAL A 431 -4.01 6.32 -34.62
C VAL A 431 -3.98 7.12 -33.33
N TRP A 432 -4.18 6.42 -32.23
CA TRP A 432 -4.06 7.03 -30.91
C TRP A 432 -2.58 7.18 -30.54
N PRO A 433 -2.26 8.15 -29.68
CA PRO A 433 -0.89 8.39 -29.22
C PRO A 433 -0.32 7.23 -28.42
N GLU A 434 1.01 7.12 -28.43
CA GLU A 434 1.71 6.05 -27.69
C GLU A 434 1.34 5.95 -26.21
N TRP A 435 1.15 7.07 -25.54
CA TRP A 435 0.96 7.01 -24.08
C TRP A 435 -0.27 6.19 -23.71
N MET A 436 -1.20 6.07 -24.64
CA MET A 436 -2.46 5.38 -24.36
C MET A 436 -2.26 3.87 -24.36
N GLY A 437 -1.16 3.41 -24.96
CA GLY A 437 -0.78 2.02 -24.91
C GLY A 437 -1.72 1.08 -25.64
N VAL A 438 -1.97 -0.07 -25.02
CA VAL A 438 -2.87 -1.10 -25.53
C VAL A 438 -4.27 -0.79 -25.05
N ILE A 439 -5.04 -0.13 -25.90
CA ILE A 439 -6.24 0.56 -25.46
C ILE A 439 -7.43 -0.36 -25.27
N HIS A 440 -8.35 0.07 -24.42
CA HIS A 440 -9.65 -0.54 -24.24
C HIS A 440 -10.35 -0.69 -25.60
N GLY A 441 -10.56 -1.94 -26.03
CA GLY A 441 -11.33 -2.22 -27.23
C GLY A 441 -10.50 -2.67 -28.42
N TYR A 442 -9.18 -2.58 -28.29
CA TYR A 442 -8.35 -2.72 -29.47
C TYR A 442 -7.78 -4.11 -29.67
N GLU A 443 -8.24 -5.06 -28.86
CA GLU A 443 -8.02 -6.47 -29.17
C GLU A 443 -9.12 -6.95 -30.14
N ILE A 444 -10.24 -6.21 -30.17
CA ILE A 444 -11.38 -6.59 -30.98
C ILE A 444 -11.02 -6.76 -32.46
N GLU A 445 -10.27 -5.82 -33.03
CA GLU A 445 -9.89 -5.94 -34.44
C GLU A 445 -9.11 -7.23 -34.74
N PHE A 446 -8.44 -7.79 -33.73
CA PHE A 446 -7.67 -9.01 -33.92
C PHE A 446 -8.56 -10.25 -33.82
N VAL A 447 -9.55 -10.19 -32.93
CA VAL A 447 -10.51 -11.28 -32.77
C VAL A 447 -11.39 -11.44 -34.02
N PHE A 448 -11.67 -10.34 -34.72
CA PHE A 448 -12.48 -10.40 -35.94
C PHE A 448 -11.63 -10.48 -37.20
N GLY A 449 -10.31 -10.61 -37.05
CA GLY A 449 -9.47 -10.94 -38.17
C GLY A 449 -9.24 -9.81 -39.16
N LEU A 450 -9.49 -8.59 -38.71
CA LEU A 450 -9.21 -7.40 -39.50
C LEU A 450 -7.76 -7.33 -40.01
N PRO A 451 -6.78 -7.77 -39.21
CA PRO A 451 -5.39 -7.82 -39.71
C PRO A 451 -5.22 -8.72 -40.94
N LEU A 452 -6.16 -9.63 -41.21
CA LEU A 452 -6.08 -10.47 -42.41
C LEU A 452 -6.32 -9.69 -43.70
N VAL A 453 -6.73 -8.43 -43.57
CA VAL A 453 -7.07 -7.60 -44.72
C VAL A 453 -5.89 -6.74 -45.17
N LYS A 454 -5.35 -7.06 -46.34
CA LYS A 454 -4.16 -6.40 -46.88
C LYS A 454 -4.21 -4.87 -46.78
N GLU A 455 -5.31 -4.28 -47.27
CA GLU A 455 -5.39 -2.82 -47.34
C GLU A 455 -5.48 -2.15 -45.96
N LEU A 456 -5.60 -2.94 -44.90
CA LEU A 456 -5.68 -2.34 -43.57
C LEU A 456 -4.28 -2.10 -43.01
N ASN A 457 -3.27 -2.59 -43.72
CA ASN A 457 -1.88 -2.21 -43.45
C ASN A 457 -1.40 -2.63 -42.05
N TYR A 458 -1.80 -3.83 -41.62
CA TYR A 458 -1.21 -4.46 -40.45
C TYR A 458 0.07 -5.16 -40.85
N THR A 459 0.88 -5.54 -39.87
CA THR A 459 2.11 -6.28 -40.17
C THR A 459 1.81 -7.74 -40.38
N ALA A 460 2.77 -8.44 -40.98
CA ALA A 460 2.63 -9.87 -41.22
C ALA A 460 2.47 -10.65 -39.93
N GLU A 461 3.16 -10.18 -38.89
CA GLU A 461 3.13 -10.86 -37.61
C GLU A 461 1.84 -10.52 -36.85
N GLU A 462 1.23 -9.39 -37.20
CA GLU A 462 -0.06 -9.05 -36.62
C GLU A 462 -1.16 -9.95 -37.20
N GLU A 463 -1.10 -10.18 -38.51
CA GLU A 463 -1.99 -11.15 -39.16
C GLU A 463 -1.89 -12.54 -38.55
N ALA A 464 -0.67 -12.99 -38.28
CA ALA A 464 -0.47 -14.28 -37.64
C ALA A 464 -1.09 -14.32 -36.24
N LEU A 465 -0.97 -13.21 -35.51
CA LEU A 465 -1.53 -13.10 -34.16
C LEU A 465 -3.05 -13.20 -34.21
N SER A 466 -3.67 -12.40 -35.08
CA SER A 466 -5.11 -12.45 -35.33
C SER A 466 -5.58 -13.87 -35.63
N ARG A 467 -4.88 -14.55 -36.54
CA ARG A 467 -5.23 -15.92 -36.88
C ARG A 467 -5.13 -16.83 -35.65
N ARG A 468 -4.06 -16.66 -34.87
CA ARG A 468 -3.88 -17.50 -33.70
C ARG A 468 -4.99 -17.22 -32.70
N ILE A 469 -5.33 -15.95 -32.55
CA ILE A 469 -6.41 -15.54 -31.64
C ILE A 469 -7.76 -16.07 -32.13
N MET A 470 -8.07 -15.89 -33.41
CA MET A 470 -9.31 -16.43 -33.98
C MET A 470 -9.41 -17.94 -33.77
N HIS A 471 -8.31 -18.65 -34.01
CA HIS A 471 -8.30 -20.08 -33.82
C HIS A 471 -8.52 -20.46 -32.35
N TYR A 472 -7.87 -19.74 -31.45
CA TYR A 472 -8.13 -19.91 -30.02
C TYR A 472 -9.61 -19.75 -29.70
N TRP A 473 -10.19 -18.64 -30.16
CA TRP A 473 -11.58 -18.32 -29.89
C TRP A 473 -12.51 -19.38 -30.50
N ALA A 474 -12.33 -19.66 -31.79
CA ALA A 474 -13.21 -20.59 -32.50
C ALA A 474 -13.03 -22.00 -31.96
N THR A 475 -11.79 -22.39 -31.72
CA THR A 475 -11.52 -23.74 -31.22
C THR A 475 -12.11 -23.89 -29.83
N PHE A 476 -11.96 -22.86 -29.00
CA PHE A 476 -12.58 -22.88 -27.68
C PHE A 476 -14.10 -23.03 -27.78
N ALA A 477 -14.72 -22.25 -28.67
CA ALA A 477 -16.17 -22.30 -28.87
C ALA A 477 -16.62 -23.71 -29.25
N LYS A 478 -15.84 -24.40 -30.08
CA LYS A 478 -16.18 -25.74 -30.54
C LYS A 478 -16.02 -26.83 -29.45
N THR A 479 -15.01 -26.72 -28.61
CA THR A 479 -14.63 -27.84 -27.74
C THR A 479 -14.55 -27.50 -26.25
N GLY A 480 -14.46 -26.21 -25.93
CA GLY A 480 -14.29 -25.79 -24.55
C GLY A 480 -12.82 -25.68 -24.17
N ASN A 481 -11.96 -25.77 -25.18
CA ASN A 481 -10.52 -25.74 -25.02
C ASN A 481 -9.89 -25.01 -26.19
N PRO A 482 -9.19 -23.88 -25.94
CA PRO A 482 -8.60 -23.07 -27.01
C PRO A 482 -7.50 -23.82 -27.75
N ASN A 483 -6.97 -24.86 -27.12
CA ASN A 483 -5.90 -25.68 -27.70
C ASN A 483 -6.40 -26.83 -28.55
N GLU A 484 -5.81 -26.99 -29.73
CA GLU A 484 -6.08 -28.15 -30.57
C GLU A 484 -5.41 -29.37 -29.96
N PRO A 485 -6.17 -30.47 -29.80
CA PRO A 485 -5.71 -31.67 -29.08
C PRO A 485 -4.39 -32.21 -29.65
N HIS A 486 -4.25 -32.18 -30.97
CA HIS A 486 -3.00 -32.52 -31.64
C HIS A 486 -1.96 -31.47 -31.31
N SER A 487 -1.47 -30.79 -32.34
CA SER A 487 -0.70 -29.56 -32.18
C SER A 487 0.68 -29.75 -31.56
N GLN A 488 1.70 -29.41 -32.34
CA GLN A 488 3.07 -29.30 -31.82
C GLN A 488 3.20 -27.99 -31.07
N GLU A 489 2.33 -27.03 -31.43
CA GLU A 489 2.39 -25.67 -30.90
C GLU A 489 2.17 -25.65 -29.38
N SER A 490 2.70 -24.60 -28.75
CA SER A 490 2.63 -24.42 -27.30
C SER A 490 1.20 -24.38 -26.78
N LYS A 491 1.01 -24.75 -25.51
CA LYS A 491 -0.35 -24.90 -24.99
C LYS A 491 -0.75 -23.84 -23.98
N TRP A 492 -1.97 -23.33 -24.16
CA TRP A 492 -2.61 -22.38 -23.25
C TRP A 492 -3.18 -23.14 -22.06
N PRO A 493 -2.53 -23.00 -20.89
CA PRO A 493 -2.91 -23.81 -19.73
C PRO A 493 -4.20 -23.39 -19.08
N LEU A 494 -4.88 -24.36 -18.49
CA LEU A 494 -6.03 -24.10 -17.64
C LEU A 494 -5.67 -23.13 -16.52
N PHE A 495 -6.55 -22.17 -16.28
CA PHE A 495 -6.48 -21.39 -15.06
C PHE A 495 -7.07 -22.24 -13.93
N THR A 496 -6.28 -22.44 -12.87
CA THR A 496 -6.71 -23.22 -11.71
C THR A 496 -6.63 -22.41 -10.44
N THR A 497 -7.44 -22.77 -9.44
CA THR A 497 -7.48 -22.02 -8.19
C THR A 497 -6.10 -21.91 -7.55
N LYS A 498 -5.31 -22.98 -7.65
CA LYS A 498 -4.00 -22.98 -7.02
C LYS A 498 -2.96 -22.26 -7.87
N GLU A 499 -2.79 -22.66 -9.12
CA GLU A 499 -1.67 -22.12 -9.92
C GLU A 499 -2.01 -20.82 -10.68
N GLN A 500 -3.29 -20.56 -10.92
CA GLN A 500 -3.73 -19.28 -11.50
C GLN A 500 -2.92 -18.82 -12.72
N LYS A 501 -2.67 -19.74 -13.65
CA LYS A 501 -1.89 -19.43 -14.84
C LYS A 501 -2.68 -18.63 -15.88
N PHE A 502 -1.97 -17.82 -16.66
CA PHE A 502 -2.54 -17.07 -17.77
C PHE A 502 -1.47 -16.88 -18.83
N ILE A 503 -1.85 -16.46 -20.03
CA ILE A 503 -0.88 -16.26 -21.09
C ILE A 503 -0.92 -14.84 -21.61
N ASP A 504 0.22 -14.35 -22.09
CA ASP A 504 0.23 -13.13 -22.87
C ASP A 504 -0.29 -13.45 -24.26
N LEU A 505 -0.96 -12.47 -24.86
CA LEU A 505 -1.31 -12.52 -26.27
C LEU A 505 -0.61 -11.38 -26.96
N ASN A 506 0.42 -11.70 -27.74
CA ASN A 506 1.12 -10.70 -28.53
C ASN A 506 1.84 -11.38 -29.67
N THR A 507 2.64 -10.62 -30.41
CA THR A 507 3.29 -11.15 -31.60
C THR A 507 4.47 -12.06 -31.30
N GLU A 508 4.89 -12.10 -30.03
CA GLU A 508 6.00 -12.93 -29.59
C GLU A 508 5.51 -14.28 -29.09
N PRO A 509 6.41 -15.27 -29.04
CA PRO A 509 6.09 -16.64 -28.60
C PRO A 509 5.45 -16.65 -27.22
N MET A 510 4.52 -17.58 -27.01
CA MET A 510 3.67 -17.57 -25.83
C MET A 510 4.46 -17.80 -24.54
N LYS A 511 4.18 -16.95 -23.55
CA LYS A 511 4.73 -17.13 -22.21
C LYS A 511 3.59 -17.38 -21.23
N VAL A 512 3.86 -18.17 -20.20
CA VAL A 512 2.87 -18.43 -19.16
C VAL A 512 3.26 -17.70 -17.88
N HIS A 513 2.34 -16.92 -17.34
CA HIS A 513 2.57 -16.28 -16.05
C HIS A 513 1.51 -16.73 -15.06
N GLN A 514 1.64 -16.25 -13.84
CA GLN A 514 0.70 -16.62 -12.79
C GLN A 514 0.28 -15.37 -12.04
N ARG A 515 -0.93 -15.39 -11.51
CA ARG A 515 -1.39 -14.31 -10.64
C ARG A 515 -1.38 -12.95 -11.34
N LEU A 516 -2.21 -12.80 -12.37
CA LEU A 516 -2.33 -11.53 -13.07
C LEU A 516 -2.63 -10.41 -12.08
N ARG A 517 -1.75 -9.40 -12.07
CA ARG A 517 -1.79 -8.23 -11.19
C ARG A 517 -2.35 -8.48 -9.80
N VAL A 518 -1.92 -9.58 -9.18
CA VAL A 518 -2.39 -9.96 -7.85
C VAL A 518 -2.15 -8.88 -6.79
N GLN A 519 -1.03 -8.16 -6.86
CA GLN A 519 -0.74 -7.15 -5.82
C GLN A 519 -1.82 -6.05 -5.79
N MET A 520 -2.01 -5.40 -6.92
CA MET A 520 -3.01 -4.33 -7.01
C MET A 520 -4.43 -4.87 -6.80
N CYS A 521 -4.70 -6.08 -7.28
CA CYS A 521 -6.05 -6.60 -7.16
C CYS A 521 -6.38 -7.07 -5.74
N VAL A 522 -5.39 -7.43 -4.94
CA VAL A 522 -5.66 -7.62 -3.52
C VAL A 522 -6.14 -6.30 -2.91
N PHE A 523 -5.44 -5.21 -3.23
CA PHE A 523 -5.86 -3.88 -2.79
C PHE A 523 -7.32 -3.56 -3.22
N TRP A 524 -7.60 -3.67 -4.51
CA TRP A 524 -8.92 -3.30 -5.03
C TRP A 524 -10.02 -4.25 -4.59
N ASN A 525 -9.69 -5.53 -4.46
CA ASN A 525 -10.72 -6.53 -4.19
C ASN A 525 -10.91 -6.87 -2.72
N GLN A 526 -9.86 -6.73 -1.91
CA GLN A 526 -9.98 -7.04 -0.49
C GLN A 526 -9.84 -5.82 0.43
N PHE A 527 -8.74 -5.08 0.31
CA PHE A 527 -8.48 -4.04 1.30
C PHE A 527 -9.37 -2.80 1.13
N LEU A 528 -9.48 -2.25 -0.08
CA LEU A 528 -10.23 -1.00 -0.23
C LEU A 528 -11.70 -1.20 0.17
N PRO A 529 -12.33 -2.26 -0.35
CA PRO A 529 -13.72 -2.54 0.00
C PRO A 529 -13.93 -2.64 1.50
N LYS A 530 -13.01 -3.31 2.19
CA LYS A 530 -13.08 -3.37 3.64
C LYS A 530 -12.90 -1.99 4.28
N LEU A 531 -11.95 -1.21 3.78
CA LEU A 531 -11.76 0.17 4.27
C LEU A 531 -13.01 1.05 4.14
N LEU A 532 -13.61 1.08 2.95
CA LEU A 532 -14.81 1.88 2.72
C LEU A 532 -15.98 1.45 3.61
N ASN A 533 -16.16 0.13 3.75
CA ASN A 533 -17.21 -0.38 4.61
C ASN A 533 -16.99 -0.09 6.10
N ALA A 534 -15.73 0.02 6.50
CA ALA A 534 -15.40 0.30 7.90
C ALA A 534 -15.42 1.79 8.18
N THR A 535 -15.32 2.61 7.13
CA THR A 535 -15.24 4.04 7.30
C THR A 535 -16.00 4.79 6.21
N SER B 4 47.67 18.80 40.65
CA SER B 4 47.67 17.37 40.32
C SER B 4 46.63 17.05 39.27
N GLU B 5 47.02 16.24 38.30
CA GLU B 5 46.17 15.92 37.17
C GLU B 5 44.92 15.11 37.58
N LEU B 6 45.08 14.21 38.56
CA LEU B 6 44.00 13.31 38.92
C LEU B 6 43.17 13.82 40.07
N LEU B 7 43.55 14.97 40.61
CA LEU B 7 42.88 15.49 41.79
C LEU B 7 42.17 16.76 41.44
N VAL B 8 40.85 16.76 41.60
CA VAL B 8 40.03 17.86 41.12
C VAL B 8 38.98 18.24 42.13
N ASN B 9 38.84 19.53 42.37
CA ASN B 9 37.89 20.00 43.35
C ASN B 9 36.64 20.51 42.65
N THR B 10 35.51 19.87 42.92
CA THR B 10 34.27 20.23 42.26
C THR B 10 33.44 21.06 43.23
N LYS B 11 32.28 21.52 42.78
CA LYS B 11 31.39 22.30 43.64
C LYS B 11 30.78 21.43 44.73
N SER B 12 30.80 20.12 44.53
CA SER B 12 30.21 19.20 45.49
C SER B 12 31.28 18.63 46.44
N GLY B 13 32.55 18.82 46.09
CA GLY B 13 33.63 18.27 46.87
C GLY B 13 34.78 17.77 46.04
N LYS B 14 35.84 17.33 46.71
CA LYS B 14 37.05 16.86 46.03
C LYS B 14 36.87 15.44 45.48
N VAL B 15 37.63 15.16 44.41
CA VAL B 15 37.47 13.95 43.64
C VAL B 15 38.85 13.48 43.15
N MET B 16 39.14 12.19 43.28
CA MET B 16 40.43 11.66 42.84
C MET B 16 40.25 10.59 41.76
N GLY B 17 40.85 10.85 40.60
CA GLY B 17 40.71 9.97 39.44
C GLY B 17 41.79 8.91 39.39
N THR B 18 41.78 8.14 38.30
CA THR B 18 42.79 7.12 38.07
C THR B 18 43.41 7.28 36.69
N ARG B 19 44.66 6.88 36.54
CA ARG B 19 45.34 6.92 35.26
C ARG B 19 45.18 5.61 34.50
N VAL B 20 44.41 5.64 33.41
CA VAL B 20 44.14 4.43 32.64
C VAL B 20 44.89 4.41 31.32
N PRO B 21 45.41 3.24 30.95
CA PRO B 21 46.07 3.11 29.64
C PRO B 21 45.04 3.13 28.52
N VAL B 22 45.45 3.65 27.38
CA VAL B 22 44.61 3.62 26.21
C VAL B 22 45.52 3.59 24.99
N LEU B 23 45.48 2.47 24.26
CA LEU B 23 46.17 2.37 22.98
C LEU B 23 47.63 2.87 23.04
N SER B 24 48.42 2.28 23.93
CA SER B 24 49.84 2.66 24.02
C SER B 24 50.05 4.10 24.47
N SER B 25 49.06 4.67 25.14
CA SER B 25 49.20 5.96 25.80
C SER B 25 48.36 5.93 27.06
N HIS B 26 48.06 7.09 27.64
CA HIS B 26 47.25 7.11 28.86
C HIS B 26 46.33 8.32 28.88
N ILE B 27 45.25 8.24 29.66
CA ILE B 27 44.43 9.41 29.96
C ILE B 27 43.80 9.31 31.34
N SER B 28 43.20 10.39 31.80
CA SER B 28 42.59 10.45 33.13
C SER B 28 41.15 9.97 33.10
N ALA B 29 40.81 9.12 34.06
CA ALA B 29 39.44 8.67 34.23
C ALA B 29 38.92 9.06 35.60
N PHE B 30 37.74 9.65 35.65
CA PHE B 30 37.04 9.85 36.91
C PHE B 30 35.73 9.05 36.89
N LEU B 31 35.74 7.92 37.61
CA LEU B 31 34.66 6.95 37.51
C LEU B 31 33.74 6.98 38.72
N GLY B 32 32.43 7.00 38.49
CA GLY B 32 31.46 6.84 39.55
C GLY B 32 31.38 8.04 40.47
N ILE B 33 31.36 9.22 39.88
CA ILE B 33 31.12 10.45 40.62
C ILE B 33 29.62 10.61 40.88
N PRO B 34 29.24 10.89 42.13
CA PRO B 34 27.81 11.05 42.43
C PRO B 34 27.28 12.41 42.04
N PHE B 35 26.12 12.48 41.38
CA PHE B 35 25.52 13.78 41.05
C PHE B 35 24.16 13.98 41.72
N ALA B 36 23.68 12.99 42.44
CA ALA B 36 22.42 13.12 43.16
C ALA B 36 22.48 12.37 44.49
N GLU B 37 21.52 12.65 45.36
CA GLU B 37 21.32 11.85 46.56
C GLU B 37 20.80 10.48 46.14
N PRO B 38 21.25 9.42 46.82
CA PRO B 38 20.70 8.10 46.54
C PRO B 38 19.16 8.12 46.57
N PRO B 39 18.52 7.81 45.43
CA PRO B 39 17.06 7.83 45.38
C PRO B 39 16.47 6.62 46.10
N VAL B 40 16.86 6.43 47.36
CA VAL B 40 16.48 5.27 48.16
C VAL B 40 15.44 5.61 49.24
N GLY B 41 14.88 4.56 49.84
CA GLY B 41 13.88 4.71 50.88
C GLY B 41 12.62 5.44 50.45
N ASN B 42 12.33 6.54 51.16
CA ASN B 42 11.15 7.33 50.88
C ASN B 42 11.34 8.24 49.67
N MET B 43 12.49 8.10 49.00
CA MET B 43 12.74 8.87 47.79
C MET B 43 12.67 8.01 46.52
N ARG B 44 12.23 6.77 46.65
CA ARG B 44 11.96 5.97 45.48
C ARG B 44 10.78 6.60 44.73
N PHE B 45 10.92 6.74 43.41
CA PHE B 45 9.90 7.34 42.54
C PHE B 45 9.92 8.87 42.59
N ARG B 46 10.66 9.45 43.52
CA ARG B 46 10.69 10.90 43.69
C ARG B 46 11.69 11.56 42.74
N ARG B 47 11.44 12.83 42.44
CA ARG B 47 12.40 13.65 41.71
C ARG B 47 13.75 13.58 42.39
N PRO B 48 14.83 13.59 41.60
CA PRO B 48 16.15 13.49 42.24
C PRO B 48 16.47 14.77 43.00
N GLU B 49 17.35 14.65 43.99
CA GLU B 49 17.86 15.80 44.74
C GLU B 49 19.37 15.87 44.53
N PRO B 50 19.92 17.09 44.43
CA PRO B 50 21.36 17.29 44.21
C PRO B 50 22.18 16.57 45.28
N LYS B 51 23.35 16.06 44.90
CA LYS B 51 24.20 15.35 45.83
C LYS B 51 24.74 16.35 46.86
N LYS B 52 24.51 16.08 48.15
CA LYS B 52 25.05 16.94 49.20
C LYS B 52 26.55 16.91 49.17
N PRO B 53 27.18 18.08 49.31
CA PRO B 53 28.64 18.19 49.33
C PRO B 53 29.25 17.28 50.39
N TRP B 54 30.40 16.69 50.09
CA TRP B 54 31.05 15.74 50.97
C TRP B 54 32.43 16.25 51.43
N SER B 55 32.91 15.71 52.55
CA SER B 55 34.25 16.05 53.03
C SER B 55 35.27 15.11 52.43
N GLY B 56 36.53 15.49 52.44
CA GLY B 56 37.58 14.60 51.97
C GLY B 56 37.54 14.32 50.48
N VAL B 57 38.15 13.22 50.07
CA VAL B 57 38.36 12.91 48.68
C VAL B 57 37.58 11.66 48.21
N TRP B 58 36.73 11.84 47.21
CA TRP B 58 35.99 10.73 46.62
C TRP B 58 36.93 9.91 45.72
N ASN B 59 37.12 8.63 46.02
CA ASN B 59 37.90 7.75 45.14
C ASN B 59 37.03 7.50 43.90
N ALA B 60 37.38 8.15 42.79
CA ALA B 60 36.65 7.95 41.54
C ALA B 60 37.49 7.09 40.61
N SER B 61 38.00 5.99 41.14
CA SER B 61 38.88 5.13 40.37
C SER B 61 38.17 3.87 39.89
N THR B 62 36.96 3.61 40.39
CA THR B 62 36.20 2.44 39.91
C THR B 62 34.76 2.78 39.50
N TYR B 63 34.22 2.02 38.55
CA TYR B 63 32.84 2.18 38.12
C TYR B 63 31.85 2.07 39.29
N PRO B 64 30.73 2.79 39.21
CA PRO B 64 29.66 2.70 40.20
C PRO B 64 28.81 1.46 40.00
N ASN B 65 27.81 1.29 40.86
CA ASN B 65 26.79 0.27 40.68
C ASN B 65 25.91 0.62 39.51
N ASN B 66 25.27 -0.39 38.91
CA ASN B 66 24.25 -0.16 37.90
C ASN B 66 22.89 -0.04 38.57
N CYS B 67 21.98 0.71 37.94
CA CYS B 67 20.64 0.88 38.49
C CYS B 67 19.91 -0.48 38.50
N GLN B 68 18.84 -0.57 39.28
CA GLN B 68 18.08 -1.82 39.37
C GLN B 68 17.32 -2.04 38.07
N GLN B 69 17.36 -3.25 37.54
CA GLN B 69 16.72 -3.50 36.24
C GLN B 69 16.55 -4.97 35.92
N TYR B 70 15.57 -5.24 35.06
CA TYR B 70 15.44 -6.54 34.44
C TYR B 70 16.80 -6.95 33.87
N VAL B 71 17.14 -8.22 34.05
CA VAL B 71 18.37 -8.78 33.52
C VAL B 71 18.00 -9.84 32.47
N ASP B 72 18.60 -9.75 31.28
CA ASP B 72 18.26 -10.69 30.21
C ASP B 72 18.99 -12.01 30.36
N GLU B 73 18.24 -13.08 30.58
CA GLU B 73 18.83 -14.41 30.74
C GLU B 73 18.38 -15.37 29.64
N GLN B 74 17.93 -14.81 28.52
CA GLN B 74 17.50 -15.60 27.39
C GLN B 74 18.59 -16.54 26.89
N PHE B 75 19.81 -16.03 26.79
CA PHE B 75 20.93 -16.81 26.27
C PHE B 75 22.12 -16.80 27.25
N PRO B 76 22.05 -17.62 28.31
CA PRO B 76 23.09 -17.66 29.35
C PRO B 76 24.46 -17.91 28.73
N GLY B 77 25.44 -17.07 29.07
CA GLY B 77 26.79 -17.23 28.58
C GLY B 77 27.06 -16.62 27.21
N PHE B 78 26.02 -16.15 26.55
CA PHE B 78 26.16 -15.63 25.20
C PHE B 78 26.53 -14.15 25.23
N SER B 79 27.67 -13.82 24.62
CA SER B 79 28.19 -12.46 24.69
C SER B 79 27.30 -11.48 23.93
N GLY B 80 26.57 -11.98 22.94
CA GLY B 80 25.73 -11.14 22.10
C GLY B 80 24.62 -10.47 22.87
N SER B 81 24.05 -11.17 23.85
CA SER B 81 23.04 -10.59 24.72
C SER B 81 23.62 -10.08 26.04
N GLU B 82 24.64 -10.76 26.55
CA GLU B 82 25.14 -10.43 27.88
C GLU B 82 25.96 -9.13 27.90
N MET B 83 26.54 -8.75 26.77
CA MET B 83 27.30 -7.50 26.70
C MET B 83 26.44 -6.30 27.08
N TRP B 84 25.12 -6.50 27.12
CA TRP B 84 24.18 -5.42 27.40
C TRP B 84 23.64 -5.45 28.84
N ASN B 85 23.83 -6.58 29.55
CA ASN B 85 23.43 -6.66 30.95
C ASN B 85 24.39 -5.92 31.87
N PRO B 86 23.91 -5.53 33.06
CA PRO B 86 24.73 -4.94 34.12
C PRO B 86 26.00 -5.74 34.35
N ASN B 87 27.15 -5.08 34.32
CA ASN B 87 28.41 -5.74 34.61
C ASN B 87 28.92 -5.28 35.97
N ARG B 88 28.04 -4.63 36.73
CA ARG B 88 28.33 -4.23 38.09
C ARG B 88 27.14 -4.62 38.96
N GLU B 89 27.37 -4.74 40.26
CA GLU B 89 26.28 -4.96 41.19
C GLU B 89 25.17 -3.92 40.98
N MET B 90 23.92 -4.36 40.98
CA MET B 90 22.77 -3.48 40.91
C MET B 90 22.40 -2.91 42.27
N SER B 91 21.99 -1.64 42.27
CA SER B 91 21.54 -0.95 43.47
C SER B 91 20.69 0.25 43.10
N GLU B 92 19.73 0.62 43.95
CA GLU B 92 18.99 1.85 43.73
C GLU B 92 19.91 3.06 43.92
N ASP B 93 21.00 2.85 44.64
CA ASP B 93 22.04 3.86 44.80
C ASP B 93 22.90 3.80 43.55
N CYS B 94 22.46 4.46 42.49
CA CYS B 94 23.11 4.28 41.18
C CYS B 94 23.27 5.56 40.35
N LEU B 95 22.96 6.72 40.93
CA LEU B 95 23.07 7.96 40.17
C LEU B 95 24.49 8.55 40.17
N TYR B 96 25.34 7.99 39.31
CA TYR B 96 26.71 8.44 39.18
C TYR B 96 27.05 8.74 37.73
N LEU B 97 28.16 9.45 37.51
CA LEU B 97 28.62 9.73 36.17
C LEU B 97 30.10 9.46 36.06
N ASN B 98 30.56 9.17 34.85
CA ASN B 98 31.97 8.92 34.59
C ASN B 98 32.54 9.95 33.63
N ILE B 99 33.83 10.23 33.76
CA ILE B 99 34.48 11.21 32.88
C ILE B 99 35.86 10.76 32.44
N TRP B 100 36.11 10.85 31.14
CA TRP B 100 37.44 10.61 30.58
C TRP B 100 38.04 11.92 30.10
N VAL B 101 39.25 12.22 30.56
CA VAL B 101 39.87 13.50 30.27
C VAL B 101 41.23 13.30 29.64
N PRO B 102 41.45 13.89 28.45
CA PRO B 102 42.75 13.87 27.77
C PRO B 102 43.89 14.30 28.71
N SER B 103 45.04 13.67 28.55
CA SER B 103 46.21 13.94 29.37
C SER B 103 47.35 14.38 28.47
N PRO B 104 47.85 15.61 28.69
CA PRO B 104 47.49 16.51 29.80
C PRO B 104 46.11 17.18 29.67
N ARG B 105 45.58 17.66 30.79
CA ARG B 105 44.24 18.22 30.83
C ARG B 105 44.06 19.39 29.86
N PRO B 106 43.09 19.27 28.92
CA PRO B 106 42.71 20.34 28.02
C PRO B 106 42.36 21.62 28.79
N LYS B 107 42.51 22.78 28.16
CA LYS B 107 42.16 24.01 28.85
C LYS B 107 40.65 24.19 28.85
N SER B 108 40.06 24.15 27.67
CA SER B 108 38.62 24.35 27.54
C SER B 108 38.13 23.69 26.27
N THR B 109 37.97 22.37 26.31
CA THR B 109 37.74 21.58 25.12
C THR B 109 36.29 21.06 25.02
N THR B 110 35.93 20.61 23.83
CA THR B 110 34.60 20.06 23.55
C THR B 110 34.23 18.93 24.50
N VAL B 111 32.99 18.95 24.98
CA VAL B 111 32.46 17.91 25.85
C VAL B 111 31.33 17.10 25.18
N MET B 112 31.39 15.78 25.30
CA MET B 112 30.30 14.91 24.84
C MET B 112 29.77 14.10 26.01
N VAL B 113 28.46 14.04 26.13
CA VAL B 113 27.83 13.36 27.25
C VAL B 113 26.93 12.25 26.71
N TRP B 114 27.27 11.03 27.09
CA TRP B 114 26.60 9.82 26.63
C TRP B 114 25.45 9.40 27.54
N ILE B 115 24.30 9.17 26.92
CA ILE B 115 23.09 8.71 27.58
C ILE B 115 22.74 7.30 27.05
N TYR B 116 22.85 6.28 27.89
CA TYR B 116 22.66 4.91 27.40
C TYR B 116 21.19 4.59 27.06
N GLY B 117 21.02 3.63 26.16
CA GLY B 117 19.70 3.14 25.78
C GLY B 117 19.30 1.94 26.61
N GLY B 118 18.26 1.24 26.20
CA GLY B 118 17.78 0.07 26.93
C GLY B 118 16.30 0.16 27.21
N GLY B 119 15.58 0.82 26.31
CA GLY B 119 14.12 0.82 26.31
C GLY B 119 13.48 1.47 27.52
N PHE B 120 14.28 2.27 28.23
CA PHE B 120 13.89 2.90 29.51
C PHE B 120 13.66 1.89 30.66
N TYR B 121 13.99 0.62 30.44
CA TYR B 121 13.76 -0.40 31.47
C TYR B 121 15.07 -1.01 31.94
N SER B 122 16.17 -0.67 31.26
CA SER B 122 17.46 -1.27 31.52
C SER B 122 18.58 -0.34 31.04
N GLY B 123 19.82 -0.77 31.22
CA GLY B 123 20.95 0.03 30.76
C GLY B 123 21.97 0.33 31.86
N SER B 124 23.21 0.55 31.47
CA SER B 124 24.29 0.83 32.37
C SER B 124 25.30 1.74 31.68
N SER B 125 25.92 2.63 32.46
CA SER B 125 26.94 3.51 31.93
C SER B 125 28.27 2.76 31.83
N THR B 126 28.32 1.59 32.43
CA THR B 126 29.59 0.90 32.65
C THR B 126 29.88 -0.25 31.69
N LEU B 127 29.00 -0.45 30.70
CA LEU B 127 29.20 -1.48 29.70
C LEU B 127 30.53 -1.29 29.01
N ASP B 128 31.18 -2.41 28.67
CA ASP B 128 32.39 -2.43 27.86
C ASP B 128 32.28 -1.58 26.59
N VAL B 129 31.13 -1.66 25.91
CA VAL B 129 30.98 -0.96 24.64
C VAL B 129 30.79 0.55 24.83
N TYR B 130 30.58 0.98 26.07
CA TYR B 130 30.48 2.42 26.35
C TYR B 130 31.77 3.01 26.95
N ASN B 131 32.84 2.21 26.95
CA ASN B 131 34.13 2.67 27.48
C ASN B 131 34.64 3.90 26.76
N GLY B 132 34.72 5.02 27.47
CA GLY B 132 34.96 6.30 26.83
C GLY B 132 36.38 6.66 26.47
N LYS B 133 37.33 5.83 26.89
CA LYS B 133 38.74 6.22 26.77
C LYS B 133 39.20 6.33 25.31
N TYR B 134 38.68 5.49 24.42
CA TYR B 134 39.16 5.49 23.03
C TYR B 134 38.76 6.75 22.30
N LEU B 135 37.51 7.16 22.49
CA LEU B 135 37.01 8.37 21.85
C LEU B 135 37.63 9.60 22.49
N ALA B 136 37.73 9.59 23.81
CA ALA B 136 38.25 10.75 24.53
C ALA B 136 39.69 10.97 24.13
N TYR B 137 40.43 9.88 24.04
CA TYR B 137 41.84 9.96 23.70
C TYR B 137 42.02 10.35 22.25
N THR B 138 41.39 9.60 21.36
CA THR B 138 41.58 9.77 19.93
C THR B 138 41.14 11.14 19.40
N GLU B 139 40.04 11.68 19.92
CA GLU B 139 39.50 12.91 19.38
C GLU B 139 39.71 14.09 20.32
N GLU B 140 40.40 13.82 21.43
CA GLU B 140 40.73 14.85 22.41
C GLU B 140 39.49 15.61 22.85
N VAL B 141 38.51 14.88 23.37
CA VAL B 141 37.31 15.50 23.91
C VAL B 141 37.15 15.04 25.34
N VAL B 142 36.46 15.83 26.14
CA VAL B 142 36.08 15.41 27.47
C VAL B 142 34.78 14.62 27.39
N LEU B 143 34.85 13.32 27.63
CA LEU B 143 33.69 12.46 27.49
C LEU B 143 33.05 12.07 28.83
N VAL B 144 31.78 12.41 28.98
CA VAL B 144 31.00 12.05 30.16
C VAL B 144 29.98 10.96 29.82
N SER B 145 29.80 9.97 30.71
CA SER B 145 28.67 9.06 30.59
C SER B 145 27.85 9.13 31.87
N LEU B 146 26.56 9.46 31.73
CA LEU B 146 25.73 9.62 32.90
C LEU B 146 24.95 8.34 33.16
N SER B 147 24.05 8.37 34.14
CA SER B 147 23.17 7.25 34.41
C SER B 147 21.85 7.82 34.85
N TYR B 148 20.82 6.98 34.90
CA TYR B 148 19.50 7.43 35.28
C TYR B 148 18.67 6.22 35.67
N ARG B 149 17.72 6.43 36.57
CA ARG B 149 16.83 5.37 37.00
C ARG B 149 16.00 4.86 35.83
N VAL B 150 15.83 3.54 35.77
CA VAL B 150 15.08 2.93 34.70
C VAL B 150 13.91 2.13 35.29
N GLY B 151 13.06 1.59 34.42
CA GLY B 151 11.88 0.85 34.83
C GLY B 151 10.98 1.67 35.73
N ALA B 152 10.25 0.98 36.60
CA ALA B 152 9.38 1.64 37.57
C ALA B 152 10.12 2.65 38.44
N PHE B 153 11.38 2.40 38.73
CA PHE B 153 12.13 3.30 39.62
C PHE B 153 12.33 4.66 38.95
N GLY B 154 12.46 4.66 37.64
CA GLY B 154 12.67 5.89 36.90
C GLY B 154 11.43 6.49 36.29
N PHE B 155 10.37 5.72 36.13
CA PHE B 155 9.27 6.24 35.31
C PHE B 155 7.86 5.82 35.73
N LEU B 156 7.72 5.33 36.97
CA LEU B 156 6.39 5.16 37.53
C LEU B 156 5.68 6.50 37.49
N ALA B 157 4.50 6.57 36.90
CA ALA B 157 3.83 7.87 36.79
C ALA B 157 2.40 7.84 37.32
N LEU B 158 2.19 8.62 38.39
CA LEU B 158 0.87 8.86 38.95
C LEU B 158 0.60 10.35 38.93
N HIS B 159 0.25 10.87 37.76
CA HIS B 159 0.13 12.32 37.55
C HIS B 159 -0.80 12.96 38.58
N GLY B 160 -0.34 14.05 39.17
CA GLY B 160 -1.04 14.70 40.25
C GLY B 160 -0.30 14.48 41.55
N SER B 161 0.26 13.29 41.71
CA SER B 161 1.09 12.98 42.86
C SER B 161 2.43 13.68 42.74
N GLN B 162 2.94 14.17 43.87
CA GLN B 162 4.26 14.79 43.89
C GLN B 162 5.28 13.81 44.45
N GLU B 163 4.79 12.63 44.84
CA GLU B 163 5.67 11.58 45.35
C GLU B 163 6.17 10.70 44.21
N ALA B 164 5.29 10.40 43.25
CA ALA B 164 5.66 9.68 42.04
C ALA B 164 5.08 10.39 40.80
N PRO B 165 5.71 11.49 40.38
CA PRO B 165 5.20 12.33 39.29
C PRO B 165 5.41 11.72 37.90
N GLY B 166 6.41 10.87 37.76
CA GLY B 166 6.81 10.36 36.47
C GLY B 166 7.97 11.16 35.91
N ASN B 167 8.65 10.61 34.91
CA ASN B 167 9.76 11.27 34.26
C ASN B 167 10.98 11.54 35.15
N VAL B 168 11.07 10.93 36.33
CA VAL B 168 12.17 11.28 37.23
C VAL B 168 13.50 10.78 36.66
N GLY B 169 13.47 9.75 35.82
CA GLY B 169 14.69 9.29 35.16
C GLY B 169 15.22 10.30 34.16
N LEU B 170 14.31 11.05 33.55
CA LEU B 170 14.69 12.12 32.64
C LEU B 170 15.24 13.30 33.45
N LEU B 171 14.65 13.54 34.62
CA LEU B 171 15.17 14.51 35.57
C LEU B 171 16.52 14.11 36.15
N ASP B 172 16.75 12.81 36.35
CA ASP B 172 18.09 12.35 36.73
C ASP B 172 19.09 12.77 35.66
N GLN B 173 18.74 12.52 34.39
CA GLN B 173 19.59 12.90 33.25
C GLN B 173 19.88 14.40 33.30
N ARG B 174 18.82 15.18 33.48
CA ARG B 174 18.92 16.63 33.55
C ARG B 174 19.88 17.05 34.66
N MET B 175 19.78 16.39 35.81
CA MET B 175 20.61 16.74 36.96
C MET B 175 22.08 16.42 36.67
N ALA B 176 22.33 15.34 35.95
CA ALA B 176 23.70 15.04 35.56
C ALA B 176 24.18 16.12 34.56
N LEU B 177 23.29 16.54 33.65
CA LEU B 177 23.62 17.62 32.71
C LEU B 177 23.92 18.93 33.42
N GLN B 178 23.08 19.26 34.39
CA GLN B 178 23.31 20.42 35.22
C GLN B 178 24.64 20.32 35.98
N TRP B 179 25.04 19.10 36.35
CA TRP B 179 26.31 18.90 37.05
C TRP B 179 27.49 19.21 36.13
N VAL B 180 27.38 18.74 34.89
CA VAL B 180 28.40 18.96 33.88
C VAL B 180 28.50 20.46 33.60
N HIS B 181 27.34 21.11 33.53
CA HIS B 181 27.25 22.54 33.36
C HIS B 181 28.04 23.25 34.45
N ASP B 182 27.92 22.76 35.68
CA ASP B 182 28.53 23.45 36.83
C ASP B 182 29.98 23.08 37.09
N ASN B 183 30.38 21.87 36.71
CA ASN B 183 31.66 21.35 37.19
C ASN B 183 32.67 20.99 36.12
N ILE B 184 32.23 20.90 34.86
CA ILE B 184 33.06 20.27 33.84
C ILE B 184 34.25 21.15 33.48
N GLN B 185 34.11 22.46 33.69
CA GLN B 185 35.23 23.37 33.47
C GLN B 185 36.46 23.00 34.31
N PHE B 186 36.22 22.34 35.44
CA PHE B 186 37.31 21.95 36.36
C PHE B 186 38.04 20.74 35.81
N PHE B 187 37.48 20.15 34.76
CA PHE B 187 38.06 18.95 34.17
C PHE B 187 38.69 19.25 32.82
N GLY B 188 38.66 20.51 32.42
CA GLY B 188 39.21 20.92 31.15
C GLY B 188 38.15 21.05 30.06
N GLY B 189 36.88 20.98 30.45
CA GLY B 189 35.78 21.05 29.50
C GLY B 189 35.09 22.39 29.43
N ASP B 190 34.59 22.72 28.23
CA ASP B 190 33.81 23.94 28.01
C ASP B 190 32.32 23.65 28.18
N PRO B 191 31.72 24.14 29.27
CA PRO B 191 30.29 23.96 29.49
C PRO B 191 29.42 24.64 28.43
N LYS B 192 30.04 25.43 27.55
CA LYS B 192 29.31 26.11 26.49
C LYS B 192 29.30 25.26 25.20
N THR B 193 30.12 24.22 25.17
CA THR B 193 30.18 23.35 24.01
C THR B 193 30.00 21.88 24.42
N VAL B 194 28.83 21.59 24.97
CA VAL B 194 28.48 20.23 25.37
C VAL B 194 27.53 19.61 24.35
N THR B 195 27.95 18.46 23.82
CA THR B 195 27.08 17.65 22.98
C THR B 195 26.53 16.48 23.77
N ILE B 196 25.21 16.37 23.81
CA ILE B 196 24.61 15.16 24.35
C ILE B 196 24.36 14.17 23.21
N PHE B 197 24.76 12.93 23.43
CA PHE B 197 24.45 11.87 22.46
C PHE B 197 24.05 10.56 23.16
N GLY B 198 23.19 9.79 22.49
CA GLY B 198 22.66 8.55 23.03
C GLY B 198 21.97 7.70 21.97
N GLU B 199 21.86 6.41 22.24
CA GLU B 199 21.31 5.47 21.30
C GLU B 199 20.03 4.86 21.84
N SER B 200 19.07 4.62 20.94
CA SER B 200 17.78 4.03 21.28
C SER B 200 17.06 4.91 22.30
N ALA B 201 16.76 4.33 23.47
CA ALA B 201 16.19 5.08 24.58
C ALA B 201 17.01 6.34 24.88
N GLY B 202 18.34 6.21 24.76
CA GLY B 202 19.25 7.32 24.95
C GLY B 202 19.05 8.39 23.88
N GLY B 203 18.83 7.97 22.64
CA GLY B 203 18.52 8.88 21.54
C GLY B 203 17.16 9.55 21.69
N ALA B 204 16.16 8.80 22.10
CA ALA B 204 14.87 9.40 22.42
C ALA B 204 15.02 10.44 23.52
N SER B 205 15.76 10.07 24.56
CA SER B 205 16.10 10.97 25.68
C SER B 205 16.65 12.29 25.18
N VAL B 206 17.69 12.21 24.36
CA VAL B 206 18.33 13.39 23.81
C VAL B 206 17.30 14.29 23.16
N GLY B 207 16.47 13.70 22.30
CA GLY B 207 15.41 14.46 21.65
C GLY B 207 14.43 15.03 22.64
N MET B 208 14.19 14.33 23.73
CA MET B 208 13.30 14.85 24.76
C MET B 208 13.90 16.05 25.51
N HIS B 209 15.22 16.15 25.54
CA HIS B 209 15.87 17.29 26.16
C HIS B 209 15.87 18.47 25.20
N ILE B 210 15.93 18.16 23.91
CA ILE B 210 15.80 19.17 22.88
C ILE B 210 14.44 19.86 23.02
N LEU B 211 13.43 19.05 23.31
CA LEU B 211 12.06 19.54 23.42
C LEU B 211 11.75 20.23 24.76
N SER B 212 12.24 19.67 25.85
CA SER B 212 11.84 20.14 27.18
C SER B 212 12.54 21.43 27.57
N PRO B 213 11.76 22.50 27.82
CA PRO B 213 12.30 23.82 28.18
C PRO B 213 13.32 23.76 29.32
N GLY B 214 13.06 22.91 30.31
CA GLY B 214 13.94 22.74 31.45
C GLY B 214 15.32 22.20 31.11
N SER B 215 15.48 21.62 29.93
CA SER B 215 16.77 21.01 29.59
C SER B 215 17.63 21.81 28.61
N ARG B 216 16.97 22.60 27.78
CA ARG B 216 17.61 23.18 26.58
C ARG B 216 18.92 23.91 26.85
N ASP B 217 18.99 24.66 27.94
CA ASP B 217 20.14 25.49 28.17
C ASP B 217 21.30 24.73 28.81
N LEU B 218 21.14 23.43 29.00
CA LEU B 218 22.19 22.63 29.63
C LEU B 218 23.03 21.87 28.60
N PHE B 219 22.87 22.20 27.32
CA PHE B 219 23.74 21.63 26.28
C PHE B 219 23.70 22.47 25.02
N ARG B 220 24.71 22.28 24.18
CA ARG B 220 24.89 23.02 22.95
C ARG B 220 24.23 22.35 21.72
N ARG B 221 24.52 21.06 21.53
CA ARG B 221 24.10 20.33 20.34
C ARG B 221 23.74 18.88 20.71
N ALA B 222 23.20 18.14 19.74
CA ALA B 222 22.66 16.81 20.02
C ALA B 222 22.87 15.80 18.90
N ILE B 223 23.23 14.59 19.30
CA ILE B 223 23.34 13.44 18.40
C ILE B 223 22.35 12.34 18.82
N LEU B 224 21.49 11.93 17.90
CA LEU B 224 20.49 10.90 18.17
C LEU B 224 20.77 9.64 17.33
N GLN B 225 21.05 8.52 17.99
CA GLN B 225 21.30 7.26 17.30
C GLN B 225 20.13 6.28 17.49
N SER B 226 19.48 5.88 16.40
CA SER B 226 18.41 4.87 16.44
C SER B 226 17.35 5.12 17.51
N GLY B 227 16.89 6.35 17.65
CA GLY B 227 15.85 6.66 18.59
C GLY B 227 15.48 8.13 18.47
N SER B 228 14.23 8.46 18.74
CA SER B 228 13.81 9.84 18.71
C SER B 228 12.65 9.99 19.67
N PRO B 229 12.39 11.24 20.09
CA PRO B 229 11.47 11.49 21.21
C PRO B 229 10.06 11.00 20.92
N ASN B 230 9.69 10.99 19.64
CA ASN B 230 8.35 10.67 19.20
C ASN B 230 8.09 9.18 18.92
N CYS B 231 9.07 8.32 19.23
CA CYS B 231 8.89 6.88 19.01
C CYS B 231 7.66 6.35 19.76
N PRO B 232 6.96 5.38 19.16
CA PRO B 232 5.72 4.84 19.74
C PRO B 232 5.93 4.12 21.07
N TRP B 233 7.14 3.63 21.33
CA TRP B 233 7.45 2.95 22.59
C TRP B 233 8.00 3.91 23.62
N ALA B 234 8.35 5.11 23.19
CA ALA B 234 9.17 5.99 24.01
C ALA B 234 8.38 6.88 24.98
N SER B 235 7.05 6.88 24.88
CA SER B 235 6.25 7.58 25.88
C SER B 235 4.80 7.10 25.97
N VAL B 236 4.10 7.57 27.00
CA VAL B 236 2.72 7.21 27.27
C VAL B 236 1.96 8.42 27.78
N SER B 237 0.64 8.36 27.74
CA SER B 237 -0.19 9.41 28.30
C SER B 237 -0.25 9.30 29.83
N VAL B 238 -0.67 10.37 30.49
CA VAL B 238 -0.80 10.32 31.96
C VAL B 238 -1.83 9.26 32.34
N ALA B 239 -2.87 9.11 31.53
CA ALA B 239 -3.92 8.12 31.78
C ALA B 239 -3.37 6.70 31.73
N GLU B 240 -2.66 6.36 30.67
CA GLU B 240 -2.06 5.04 30.53
C GLU B 240 -0.97 4.80 31.58
N GLY B 241 -0.12 5.79 31.82
CA GLY B 241 0.93 5.70 32.82
C GLY B 241 0.34 5.43 34.21
N ARG B 242 -0.81 6.01 34.48
CA ARG B 242 -1.51 5.77 35.73
C ARG B 242 -2.01 4.32 35.78
N ARG B 243 -2.65 3.89 34.70
CA ARG B 243 -3.20 2.54 34.64
C ARG B 243 -2.10 1.52 34.91
N ARG B 244 -0.93 1.71 34.31
CA ARG B 244 0.16 0.78 34.52
C ARG B 244 0.72 0.83 35.94
N ALA B 245 0.74 2.02 36.54
CA ALA B 245 1.23 2.15 37.91
C ALA B 245 0.28 1.43 38.86
N VAL B 246 -1.01 1.64 38.64
CA VAL B 246 -2.03 1.00 39.46
C VAL B 246 -2.04 -0.51 39.24
N GLU B 247 -1.82 -0.93 38.00
CA GLU B 247 -1.76 -2.35 37.69
C GLU B 247 -0.53 -2.99 38.34
N LEU B 248 0.53 -2.20 38.53
CA LEU B 248 1.73 -2.69 39.18
C LEU B 248 1.42 -3.03 40.64
N GLY B 249 0.66 -2.16 41.29
CA GLY B 249 0.24 -2.40 42.66
C GLY B 249 -0.63 -3.64 42.78
N ARG B 250 -1.56 -3.78 41.86
CA ARG B 250 -2.50 -4.88 41.85
C ARG B 250 -1.76 -6.20 41.76
N ASN B 251 -0.75 -6.23 40.90
CA ASN B 251 0.12 -7.41 40.78
C ASN B 251 0.93 -7.67 42.04
N LEU B 252 0.83 -6.79 43.03
CA LEU B 252 1.60 -6.97 44.26
C LEU B 252 0.71 -6.88 45.50
N ASN B 253 -0.59 -7.04 45.31
CA ASN B 253 -1.55 -7.01 46.41
C ASN B 253 -1.47 -5.72 47.21
N CYS B 254 -1.39 -4.58 46.52
CA CYS B 254 -1.28 -3.30 47.19
C CYS B 254 -2.64 -2.67 47.43
N ASN B 255 -2.70 -1.84 48.46
CA ASN B 255 -3.85 -0.98 48.70
C ASN B 255 -3.97 0.00 47.53
N LEU B 256 -5.05 -0.11 46.76
CA LEU B 256 -5.19 0.71 45.55
C LEU B 256 -6.13 1.89 45.73
N ASN B 257 -6.52 2.18 46.97
CA ASN B 257 -7.56 3.17 47.22
C ASN B 257 -7.10 4.59 46.95
N SER B 258 -5.84 4.87 47.21
CA SER B 258 -5.28 6.19 46.97
C SER B 258 -3.89 6.10 46.38
N ASP B 259 -3.41 7.21 45.84
CA ASP B 259 -2.05 7.29 45.35
C ASP B 259 -1.07 7.09 46.52
N GLU B 260 -1.30 7.81 47.63
CA GLU B 260 -0.43 7.70 48.80
C GLU B 260 -0.31 6.27 49.31
N GLU B 261 -1.43 5.56 49.38
CA GLU B 261 -1.41 4.18 49.85
C GLU B 261 -0.67 3.28 48.86
N LEU B 262 -1.02 3.42 47.58
CA LEU B 262 -0.39 2.66 46.51
C LEU B 262 1.12 2.86 46.51
N ILE B 263 1.54 4.12 46.50
CA ILE B 263 2.95 4.48 46.53
C ILE B 263 3.65 3.90 47.76
N HIS B 264 3.03 4.06 48.93
CA HIS B 264 3.63 3.57 50.17
C HIS B 264 3.85 2.06 50.13
N CYS B 265 2.85 1.35 49.61
CA CYS B 265 2.96 -0.08 49.41
C CYS B 265 4.14 -0.42 48.51
N LEU B 266 4.28 0.32 47.42
CA LEU B 266 5.31 0.05 46.42
C LEU B 266 6.72 0.40 46.92
N ARG B 267 6.80 1.40 47.81
CA ARG B 267 8.07 1.80 48.40
C ARG B 267 8.58 0.79 49.42
N GLU B 268 7.71 -0.14 49.82
CA GLU B 268 8.05 -1.12 50.84
C GLU B 268 8.60 -2.41 50.25
N LYS B 269 8.49 -2.54 48.92
CA LYS B 269 8.89 -3.76 48.23
C LYS B 269 10.38 -3.74 47.88
N LYS B 270 11.01 -4.92 47.88
CA LYS B 270 12.34 -5.05 47.33
C LYS B 270 12.30 -4.68 45.85
N PRO B 271 13.41 -4.13 45.33
CA PRO B 271 13.52 -3.76 43.91
C PRO B 271 13.11 -4.93 43.00
N GLN B 272 13.63 -6.10 43.31
CA GLN B 272 13.45 -7.27 42.46
C GLN B 272 11.98 -7.69 42.37
N GLU B 273 11.20 -7.40 43.41
CA GLU B 273 9.77 -7.71 43.39
C GLU B 273 9.06 -6.86 42.35
N LEU B 274 9.43 -5.58 42.27
CA LEU B 274 8.88 -4.72 41.24
C LEU B 274 9.22 -5.26 39.86
N ILE B 275 10.51 -5.48 39.66
CA ILE B 275 11.06 -5.97 38.41
C ILE B 275 10.39 -7.27 37.96
N ASP B 276 10.19 -8.20 38.88
CA ASP B 276 9.62 -9.52 38.55
C ASP B 276 8.26 -9.44 37.85
N VAL B 277 7.51 -8.38 38.11
CA VAL B 277 6.19 -8.26 37.52
C VAL B 277 6.07 -7.10 36.50
N GLU B 278 7.19 -6.40 36.29
CA GLU B 278 7.28 -5.24 35.40
C GLU B 278 6.52 -5.44 34.09
N TRP B 279 6.78 -6.55 33.42
CA TRP B 279 6.23 -6.77 32.08
C TRP B 279 4.73 -7.03 32.08
N ASN B 280 4.17 -7.40 33.22
CA ASN B 280 2.76 -7.80 33.28
C ASN B 280 1.81 -6.62 33.12
N VAL B 281 2.31 -5.39 33.24
CA VAL B 281 1.41 -4.23 33.14
C VAL B 281 1.16 -3.73 31.71
N LEU B 282 1.91 -4.26 30.74
CA LEU B 282 1.69 -3.84 29.35
C LEU B 282 0.27 -4.14 28.92
N PRO B 283 -0.28 -3.28 28.04
CA PRO B 283 -1.67 -3.38 27.57
C PRO B 283 -1.90 -4.58 26.66
N PHE B 284 -0.93 -4.91 25.83
CA PHE B 284 -1.08 -6.02 24.89
C PHE B 284 0.15 -6.90 24.85
N ASP B 285 -0.03 -8.12 24.35
CA ASP B 285 1.08 -8.93 23.85
C ASP B 285 1.80 -8.12 22.79
N SER B 286 3.08 -7.88 22.97
CA SER B 286 3.76 -6.98 22.07
C SER B 286 5.25 -7.21 22.07
N ILE B 287 5.91 -6.75 21.02
CA ILE B 287 7.36 -6.61 21.02
C ILE B 287 7.71 -5.13 20.80
N PHE B 288 8.89 -4.74 21.23
CA PHE B 288 9.30 -3.32 21.22
C PHE B 288 8.30 -2.44 21.98
N ARG B 289 7.81 -2.94 23.11
CA ARG B 289 7.03 -2.13 24.04
C ARG B 289 7.57 -2.34 25.45
N PHE B 290 7.60 -1.26 26.23
CA PHE B 290 8.21 -1.30 27.57
C PHE B 290 7.27 -0.66 28.58
N SER B 291 7.30 -1.15 29.81
CA SER B 291 6.24 -0.81 30.76
C SER B 291 6.31 0.62 31.29
N PHE B 292 7.49 1.07 31.69
CA PHE B 292 7.59 2.36 32.36
C PHE B 292 8.51 3.28 31.59
N VAL B 293 7.90 4.30 31.01
CA VAL B 293 8.56 5.19 30.08
C VAL B 293 8.07 6.61 30.39
N PRO B 294 8.69 7.62 29.77
CA PRO B 294 8.25 9.01 29.93
C PRO B 294 6.75 9.23 29.71
N VAL B 295 6.15 10.06 30.55
CA VAL B 295 4.77 10.49 30.41
C VAL B 295 4.68 11.87 29.79
N ILE B 296 3.68 12.09 28.95
CA ILE B 296 3.38 13.44 28.44
C ILE B 296 2.56 14.17 29.48
N ASP B 297 3.25 14.97 30.30
CA ASP B 297 2.75 15.37 31.61
C ASP B 297 2.28 16.81 31.68
N GLY B 298 2.72 17.62 30.73
CA GLY B 298 2.41 19.04 30.76
C GLY B 298 3.43 19.83 31.56
N GLU B 299 4.46 19.17 32.05
CA GLU B 299 5.50 19.84 32.83
C GLU B 299 6.88 19.68 32.19
N PHE B 300 7.43 18.47 32.23
CA PHE B 300 8.63 18.19 31.44
C PHE B 300 8.36 18.42 29.95
N PHE B 301 7.19 17.99 29.48
CA PHE B 301 6.70 18.33 28.14
C PHE B 301 5.45 19.19 28.27
N PRO B 302 5.57 20.49 27.92
CA PRO B 302 4.50 21.47 28.03
C PRO B 302 3.21 21.04 27.33
N THR B 303 3.34 20.49 26.14
CA THR B 303 2.19 19.98 25.40
C THR B 303 2.58 18.71 24.65
N SER B 304 1.67 18.21 23.81
CA SER B 304 1.92 17.00 23.03
C SER B 304 3.20 17.12 22.20
N LEU B 305 3.90 16.02 22.01
CA LEU B 305 5.16 16.07 21.26
C LEU B 305 4.93 16.57 19.84
N GLU B 306 3.84 16.13 19.21
CA GLU B 306 3.55 16.53 17.84
C GLU B 306 3.30 18.03 17.71
N SER B 307 2.51 18.58 18.62
CA SER B 307 2.26 20.03 18.63
C SER B 307 3.55 20.83 18.92
N MET B 308 4.44 20.30 19.77
CA MET B 308 5.71 21.00 20.01
C MET B 308 6.58 21.01 18.76
N LEU B 309 6.62 19.88 18.07
CA LEU B 309 7.40 19.76 16.83
C LEU B 309 6.83 20.67 15.75
N ASN B 310 5.51 20.80 15.76
CA ASN B 310 4.80 21.60 14.77
C ASN B 310 5.03 23.08 14.96
N SER B 311 5.00 23.52 16.21
CA SER B 311 5.12 24.93 16.51
C SER B 311 6.56 25.41 16.61
N GLY B 312 7.52 24.50 16.50
CA GLY B 312 8.92 24.87 16.62
C GLY B 312 9.27 25.11 18.08
N ASN B 313 8.42 24.61 18.96
CA ASN B 313 8.64 24.71 20.38
C ASN B 313 9.71 23.72 20.86
N PHE B 314 10.97 24.10 20.69
CA PHE B 314 12.09 23.25 21.05
C PHE B 314 13.39 23.96 20.76
N LYS B 315 14.49 23.40 21.23
CA LYS B 315 15.78 24.03 21.07
C LYS B 315 16.20 24.04 19.60
N LYS B 316 16.56 25.22 19.13
CA LYS B 316 17.04 25.40 17.77
C LYS B 316 18.55 25.35 17.73
N THR B 317 19.10 24.23 17.27
CA THR B 317 20.55 24.04 17.24
C THR B 317 20.88 23.11 16.09
N GLN B 318 22.08 22.53 16.12
CA GLN B 318 22.47 21.54 15.12
C GLN B 318 22.24 20.12 15.64
N ILE B 319 21.78 19.22 14.77
CA ILE B 319 21.68 17.82 15.16
C ILE B 319 22.30 16.91 14.14
N LEU B 320 22.71 15.75 14.61
CA LEU B 320 23.27 14.70 13.76
C LEU B 320 22.66 13.39 14.25
N LEU B 321 21.95 12.69 13.35
CA LEU B 321 21.16 11.55 13.74
C LEU B 321 21.07 10.52 12.62
N GLY B 322 20.70 9.29 12.97
CA GLY B 322 20.61 8.24 11.98
C GLY B 322 20.09 6.93 12.55
N VAL B 323 20.07 5.91 11.68
CA VAL B 323 19.51 4.62 12.02
C VAL B 323 20.38 3.52 11.42
N ASN B 324 20.20 2.29 11.92
CA ASN B 324 20.87 1.10 11.40
C ASN B 324 19.96 0.37 10.42
N LYS B 325 20.52 -0.44 9.53
CA LYS B 325 19.73 -1.08 8.48
C LYS B 325 18.64 -2.05 8.97
N ASP B 326 18.90 -2.78 10.05
CA ASP B 326 17.93 -3.79 10.53
C ASP B 326 17.59 -3.61 12.01
N GLU B 327 17.07 -2.43 12.33
CA GLU B 327 16.67 -2.10 13.70
C GLU B 327 15.77 -3.16 14.35
N GLY B 328 14.94 -3.83 13.55
CA GLY B 328 13.89 -4.67 14.11
C GLY B 328 14.29 -6.07 14.59
N SER B 329 15.42 -6.58 14.11
CA SER B 329 15.71 -8.01 14.16
C SER B 329 15.91 -8.51 15.60
N PHE B 330 16.61 -7.73 16.41
CA PHE B 330 16.79 -8.06 17.81
C PHE B 330 15.46 -8.39 18.50
N PHE B 331 14.42 -7.62 18.16
CA PHE B 331 13.15 -7.73 18.89
C PHE B 331 12.29 -8.91 18.41
N LEU B 332 12.40 -9.25 17.13
CA LEU B 332 11.70 -10.42 16.62
C LEU B 332 12.25 -11.68 17.29
N LEU B 333 13.57 -11.70 17.47
CA LEU B 333 14.24 -12.81 18.11
C LEU B 333 13.65 -13.14 19.47
N TYR B 334 13.35 -12.11 20.26
CA TYR B 334 12.88 -12.31 21.62
C TYR B 334 11.39 -12.58 21.74
N GLY B 335 10.59 -12.02 20.84
CA GLY B 335 9.14 -12.11 21.02
C GLY B 335 8.31 -12.83 19.97
N ALA B 336 8.76 -12.86 18.72
CA ALA B 336 7.91 -13.35 17.61
C ALA B 336 8.14 -14.81 17.24
N PRO B 337 7.07 -15.53 16.89
CA PRO B 337 7.18 -16.95 16.53
C PRO B 337 8.00 -17.19 15.25
N GLY B 338 8.81 -18.25 15.26
CA GLY B 338 9.55 -18.71 14.09
C GLY B 338 10.99 -18.21 14.02
N PHE B 339 11.29 -17.26 14.89
CA PHE B 339 12.62 -16.65 14.94
C PHE B 339 13.49 -17.40 15.92
N SER B 340 14.73 -17.64 15.51
CA SER B 340 15.68 -18.32 16.35
C SER B 340 17.06 -17.78 16.08
N LYS B 341 17.89 -17.74 17.11
CA LYS B 341 19.24 -17.25 17.03
C LYS B 341 20.10 -18.21 16.22
N ASP B 342 19.67 -19.48 16.14
CA ASP B 342 20.48 -20.56 15.59
C ASP B 342 19.97 -21.13 14.25
N SER B 343 19.06 -20.41 13.59
CA SER B 343 18.57 -20.81 12.28
C SER B 343 18.30 -19.57 11.46
N GLU B 344 18.06 -19.80 10.17
CA GLU B 344 17.74 -18.73 9.23
C GLU B 344 16.41 -18.07 9.54
N SER B 345 15.61 -18.71 10.39
CA SER B 345 14.34 -18.13 10.80
C SER B 345 13.45 -17.80 9.59
N LYS B 346 13.34 -18.74 8.65
CA LYS B 346 12.37 -18.59 7.58
C LYS B 346 10.98 -18.59 8.21
N ILE B 347 10.21 -17.56 7.89
CA ILE B 347 8.95 -17.33 8.56
C ILE B 347 7.78 -17.79 7.69
N SER B 348 6.97 -18.68 8.24
CA SER B 348 5.77 -19.12 7.56
C SER B 348 4.81 -17.95 7.46
N ARG B 349 3.80 -18.11 6.62
CA ARG B 349 2.73 -17.14 6.46
C ARG B 349 1.95 -16.92 7.74
N GLU B 350 1.67 -18.00 8.44
CA GLU B 350 0.93 -17.94 9.69
C GLU B 350 1.72 -17.17 10.75
N ASP B 351 3.03 -17.40 10.81
CA ASP B 351 3.88 -16.72 11.78
C ASP B 351 4.08 -15.26 11.38
N PHE B 352 4.08 -15.00 10.08
CA PHE B 352 4.16 -13.62 9.61
C PHE B 352 2.95 -12.84 10.11
N MET B 353 1.76 -13.42 9.94
CA MET B 353 0.54 -12.81 10.47
C MET B 353 0.69 -12.54 11.96
N SER B 354 1.09 -13.57 12.72
CA SER B 354 1.29 -13.43 14.16
C SER B 354 2.28 -12.32 14.51
N GLY B 355 3.37 -12.27 13.76
CA GLY B 355 4.36 -11.22 13.93
C GLY B 355 3.85 -9.81 13.74
N VAL B 356 3.01 -9.55 12.72
CA VAL B 356 2.61 -8.17 12.50
C VAL B 356 1.73 -7.74 13.66
N LYS B 357 0.87 -8.64 14.11
CA LYS B 357 -0.01 -8.36 15.24
C LYS B 357 0.81 -8.03 16.50
N LEU B 358 1.87 -8.79 16.74
CA LEU B 358 2.75 -8.50 17.88
C LEU B 358 3.48 -7.17 17.66
N SER B 359 3.81 -6.87 16.41
CA SER B 359 4.64 -5.72 16.09
C SER B 359 3.89 -4.40 16.15
N VAL B 360 2.60 -4.44 15.82
CA VAL B 360 1.75 -3.26 15.78
C VAL B 360 0.53 -3.50 16.65
N PRO B 361 0.74 -3.59 17.97
CA PRO B 361 -0.28 -4.08 18.90
C PRO B 361 -1.45 -3.15 19.12
N HIS B 362 -1.30 -1.87 18.78
CA HIS B 362 -2.40 -0.94 18.97
C HIS B 362 -3.37 -0.93 17.78
N ALA B 363 -2.95 -1.44 16.63
CA ALA B 363 -3.78 -1.38 15.42
C ALA B 363 -5.05 -2.22 15.55
N ASN B 364 -6.13 -1.71 14.95
CA ASN B 364 -7.33 -2.50 14.75
C ASN B 364 -7.16 -3.43 13.57
N ASP B 365 -8.19 -4.21 13.29
CA ASP B 365 -8.10 -5.19 12.22
C ASP B 365 -7.84 -4.52 10.87
N LEU B 366 -8.48 -3.38 10.63
CA LEU B 366 -8.25 -2.67 9.38
C LEU B 366 -6.77 -2.30 9.26
N GLY B 367 -6.22 -1.78 10.36
CA GLY B 367 -4.82 -1.42 10.44
C GLY B 367 -3.87 -2.58 10.21
N LEU B 368 -4.15 -3.72 10.84
CA LEU B 368 -3.34 -4.90 10.62
C LEU B 368 -3.33 -5.31 9.15
N ASP B 369 -4.50 -5.25 8.50
CA ASP B 369 -4.61 -5.59 7.08
C ASP B 369 -3.77 -4.66 6.22
N ALA B 370 -3.82 -3.37 6.56
CA ALA B 370 -3.03 -2.34 5.90
C ALA B 370 -1.54 -2.62 5.96
N VAL B 371 -1.05 -2.90 7.17
CA VAL B 371 0.37 -3.19 7.37
C VAL B 371 0.76 -4.43 6.56
N THR B 372 -0.07 -5.46 6.69
CA THR B 372 0.19 -6.74 6.02
C THR B 372 0.27 -6.58 4.51
N LEU B 373 -0.70 -5.85 3.95
CA LEU B 373 -0.69 -5.55 2.53
C LEU B 373 0.56 -4.79 2.10
N GLN B 374 0.95 -3.81 2.91
CA GLN B 374 2.06 -2.95 2.57
C GLN B 374 3.40 -3.69 2.58
N TYR B 375 3.48 -4.81 3.30
CA TYR B 375 4.75 -5.52 3.42
C TYR B 375 4.74 -6.95 2.87
N THR B 376 3.74 -7.28 2.07
CA THR B 376 3.61 -8.63 1.50
C THR B 376 3.74 -8.64 -0.02
N ASP B 377 4.60 -9.52 -0.53
CA ASP B 377 4.71 -9.75 -1.95
C ASP B 377 3.70 -10.84 -2.31
N TRP B 378 2.59 -10.45 -2.95
CA TRP B 378 1.50 -11.42 -3.15
C TRP B 378 1.69 -12.31 -4.36
N MET B 379 2.80 -12.11 -5.06
CA MET B 379 3.23 -13.11 -6.03
C MET B 379 3.98 -14.26 -5.36
N ASP B 380 4.30 -14.11 -4.07
CA ASP B 380 5.24 -15.03 -3.44
C ASP B 380 5.12 -14.99 -1.92
N ASP B 381 3.90 -15.15 -1.44
CA ASP B 381 3.58 -14.88 -0.04
C ASP B 381 4.07 -15.98 0.93
N ASN B 382 4.47 -17.12 0.39
CA ASN B 382 4.95 -18.23 1.21
C ASN B 382 6.47 -18.32 1.22
N ASN B 383 7.13 -17.29 0.69
CA ASN B 383 8.59 -17.20 0.78
C ASN B 383 9.02 -16.84 2.21
N GLY B 384 9.60 -17.81 2.93
CA GLY B 384 9.96 -17.63 4.33
C GLY B 384 10.95 -16.50 4.54
N ILE B 385 11.91 -16.40 3.62
CA ILE B 385 12.83 -15.28 3.60
C ILE B 385 12.14 -13.91 3.46
N LYS B 386 11.32 -13.71 2.43
CA LYS B 386 10.69 -12.40 2.28
C LYS B 386 9.81 -12.11 3.48
N ASN B 387 9.18 -13.14 4.02
CA ASN B 387 8.35 -12.98 5.20
C ASN B 387 9.16 -12.56 6.44
N ARG B 388 10.34 -13.14 6.59
CA ARG B 388 11.27 -12.82 7.67
C ARG B 388 11.73 -11.36 7.58
N ASP B 389 12.29 -11.02 6.44
CA ASP B 389 12.79 -9.69 6.16
C ASP B 389 11.67 -8.66 6.17
N GLY B 390 10.49 -9.05 5.69
CA GLY B 390 9.34 -8.17 5.74
C GLY B 390 8.99 -7.73 7.16
N LEU B 391 8.96 -8.70 8.06
CA LEU B 391 8.65 -8.49 9.47
C LEU B 391 9.76 -7.71 10.15
N ASP B 392 10.99 -8.01 9.75
CA ASP B 392 12.16 -7.24 10.16
C ASP B 392 11.94 -5.76 9.84
N ASP B 393 11.61 -5.47 8.59
CA ASP B 393 11.37 -4.08 8.15
C ASP B 393 10.21 -3.47 8.90
N ILE B 394 9.15 -4.23 9.15
CA ILE B 394 7.99 -3.70 9.86
C ILE B 394 8.36 -3.18 11.24
N VAL B 395 9.10 -3.98 11.99
CA VAL B 395 9.48 -3.61 13.35
C VAL B 395 10.38 -2.38 13.35
N GLY B 396 11.41 -2.42 12.49
CA GLY B 396 12.35 -1.32 12.38
C GLY B 396 11.73 -0.02 11.86
N ASP B 397 10.88 -0.10 10.83
CA ASP B 397 10.28 1.10 10.23
C ASP B 397 9.35 1.77 11.22
N HIS B 398 8.46 0.97 11.80
CA HIS B 398 7.47 1.46 12.75
C HIS B 398 8.07 2.05 14.03
N ASN B 399 9.07 1.37 14.59
CA ASN B 399 9.56 1.70 15.93
C ASN B 399 10.71 2.68 15.92
N VAL B 400 11.54 2.60 14.89
CA VAL B 400 12.74 3.42 14.86
C VAL B 400 12.83 4.33 13.64
N ILE B 401 12.91 3.74 12.46
CA ILE B 401 13.29 4.53 11.29
C ILE B 401 12.29 5.64 10.98
N CYS B 402 11.01 5.31 10.88
CA CYS B 402 10.02 6.32 10.46
C CYS B 402 9.68 7.34 11.54
N PRO B 403 9.67 6.93 12.82
CA PRO B 403 9.59 7.96 13.86
C PRO B 403 10.72 8.97 13.74
N LEU B 404 11.94 8.48 13.51
CA LEU B 404 13.08 9.37 13.38
C LEU B 404 12.95 10.27 12.15
N MET B 405 12.48 9.71 11.03
CA MET B 405 12.36 10.49 9.81
C MET B 405 11.32 11.60 9.98
N HIS B 406 10.24 11.32 10.70
CA HIS B 406 9.24 12.34 11.01
C HIS B 406 9.91 13.44 11.85
N PHE B 407 10.65 13.03 12.87
CA PHE B 407 11.36 13.98 13.73
C PHE B 407 12.32 14.83 12.92
N VAL B 408 13.08 14.20 12.04
CA VAL B 408 14.13 14.91 11.33
C VAL B 408 13.52 15.94 10.38
N ASN B 409 12.42 15.55 9.75
CA ASN B 409 11.71 16.43 8.83
C ASN B 409 11.07 17.61 9.57
N LYS B 410 10.40 17.33 10.70
CA LYS B 410 9.81 18.40 11.50
C LYS B 410 10.88 19.33 12.07
N TYR B 411 11.97 18.75 12.55
CA TYR B 411 12.98 19.53 13.25
C TYR B 411 13.68 20.48 12.29
N THR B 412 13.98 19.97 11.11
CA THR B 412 14.82 20.68 10.14
C THR B 412 14.17 21.97 9.64
N LYS B 413 12.85 22.07 9.79
CA LYS B 413 12.13 23.28 9.39
C LYS B 413 12.46 24.46 10.29
N PHE B 414 12.99 24.17 11.48
CA PHE B 414 13.32 25.21 12.45
C PHE B 414 14.77 25.21 12.89
N GLY B 415 15.43 24.06 12.82
CA GLY B 415 16.77 23.91 13.38
C GLY B 415 17.84 24.67 12.62
N ASN B 416 19.08 24.53 13.09
CA ASN B 416 20.20 25.26 12.53
C ASN B 416 21.20 24.37 11.79
N GLY B 417 20.75 23.18 11.42
CA GLY B 417 21.59 22.27 10.66
C GLY B 417 21.31 20.83 11.04
N THR B 418 21.07 20.01 10.03
CA THR B 418 20.73 18.61 10.24
C THR B 418 21.62 17.74 9.39
N TYR B 419 22.26 16.77 10.04
CA TYR B 419 23.01 15.74 9.34
C TYR B 419 22.42 14.35 9.64
N LEU B 420 22.17 13.58 8.60
CA LEU B 420 21.46 12.30 8.73
C LEU B 420 22.28 11.15 8.14
N TYR B 421 22.33 10.01 8.83
CA TYR B 421 23.11 8.86 8.36
C TYR B 421 22.29 7.58 8.35
N PHE B 422 22.77 6.61 7.57
CA PHE B 422 22.15 5.28 7.48
C PHE B 422 23.28 4.27 7.66
N PHE B 423 23.40 3.72 8.86
CA PHE B 423 24.49 2.80 9.19
C PHE B 423 24.14 1.38 8.72
N ASN B 424 24.92 0.85 7.78
CA ASN B 424 24.60 -0.45 7.21
C ASN B 424 25.82 -1.34 7.03
N HIS B 425 26.73 -1.27 8.00
CA HIS B 425 27.87 -2.17 8.03
C HIS B 425 27.63 -3.32 9.01
N ARG B 426 27.70 -4.55 8.50
CA ARG B 426 27.67 -5.73 9.37
C ARG B 426 29.10 -6.08 9.76
N ALA B 427 29.38 -6.04 11.06
CA ALA B 427 30.74 -6.25 11.57
C ALA B 427 31.25 -7.66 11.31
N SER B 428 32.54 -7.76 11.01
CA SER B 428 33.18 -9.01 10.63
C SER B 428 33.16 -10.05 11.75
N ASN B 429 33.14 -9.58 13.00
CA ASN B 429 33.20 -10.45 14.15
C ASN B 429 31.89 -10.53 14.92
N LEU B 430 30.77 -10.38 14.24
CA LEU B 430 29.46 -10.44 14.91
C LEU B 430 29.15 -11.88 15.36
N VAL B 431 28.55 -12.01 16.54
CA VAL B 431 28.22 -13.31 17.11
C VAL B 431 26.79 -13.73 16.82
N TRP B 432 25.99 -12.77 16.36
CA TRP B 432 24.62 -13.05 15.95
C TRP B 432 24.57 -13.56 14.51
N PRO B 433 23.51 -14.32 14.16
CA PRO B 433 23.31 -14.90 12.84
C PRO B 433 23.16 -13.85 11.75
N GLU B 434 23.48 -14.23 10.52
CA GLU B 434 23.43 -13.33 9.38
C GLU B 434 22.05 -12.73 9.11
N TRP B 435 20.99 -13.45 9.46
CA TRP B 435 19.67 -12.97 9.07
C TRP B 435 19.31 -11.69 9.83
N MET B 436 19.91 -11.53 11.01
CA MET B 436 19.62 -10.35 11.82
C MET B 436 20.24 -9.08 11.25
N GLY B 437 21.18 -9.23 10.32
CA GLY B 437 21.74 -8.11 9.58
C GLY B 437 22.54 -7.11 10.41
N VAL B 438 22.22 -5.83 10.19
CA VAL B 438 22.84 -4.72 10.90
C VAL B 438 21.98 -4.37 12.11
N ILE B 439 22.42 -4.81 13.27
CA ILE B 439 21.54 -4.92 14.41
C ILE B 439 21.41 -3.64 15.21
N HIS B 440 20.25 -3.47 15.83
CA HIS B 440 19.97 -2.40 16.77
C HIS B 440 21.06 -2.39 17.86
N GLY B 441 21.86 -1.31 17.88
CA GLY B 441 22.88 -1.13 18.90
C GLY B 441 24.31 -1.35 18.42
N TYR B 442 24.48 -1.84 17.20
CA TYR B 442 25.80 -2.34 16.85
C TYR B 442 26.63 -1.36 16.05
N GLU B 443 26.17 -0.12 15.99
CA GLU B 443 27.00 0.96 15.50
C GLU B 443 27.75 1.60 16.69
N ILE B 444 27.27 1.30 17.89
CA ILE B 444 27.83 1.89 19.10
C ILE B 444 29.32 1.57 19.24
N GLU B 445 29.71 0.32 18.99
CA GLU B 445 31.11 -0.07 19.15
C GLU B 445 32.02 0.69 18.17
N PHE B 446 31.42 1.25 17.11
CA PHE B 446 32.20 2.02 16.15
C PHE B 446 32.33 3.47 16.61
N VAL B 447 31.24 4.02 17.11
CA VAL B 447 31.24 5.36 17.66
C VAL B 447 32.25 5.46 18.81
N PHE B 448 32.39 4.39 19.58
CA PHE B 448 33.28 4.39 20.75
C PHE B 448 34.67 3.81 20.47
N GLY B 449 34.96 3.49 19.21
CA GLY B 449 36.31 3.16 18.81
C GLY B 449 36.85 1.77 19.17
N LEU B 450 35.97 0.85 19.54
CA LEU B 450 36.40 -0.51 19.83
C LEU B 450 37.24 -1.16 18.72
N PRO B 451 36.91 -0.88 17.44
CA PRO B 451 37.72 -1.52 16.38
C PRO B 451 39.19 -1.07 16.37
N LEU B 452 39.55 -0.07 17.16
CA LEU B 452 40.95 0.35 17.26
C LEU B 452 41.74 -0.59 18.14
N VAL B 453 41.03 -1.39 18.94
CA VAL B 453 41.65 -2.37 19.84
C VAL B 453 41.95 -3.66 19.07
N LYS B 454 43.21 -3.84 18.71
CA LYS B 454 43.60 -4.94 17.81
C LYS B 454 43.21 -6.32 18.34
N GLU B 455 43.19 -6.49 19.66
CA GLU B 455 42.79 -7.79 20.22
C GLU B 455 41.33 -8.13 19.95
N LEU B 456 40.51 -7.13 19.60
CA LEU B 456 39.10 -7.39 19.33
C LEU B 456 38.90 -7.99 17.94
N ASN B 457 39.97 -7.99 17.15
CA ASN B 457 39.99 -8.66 15.85
C ASN B 457 39.04 -8.08 14.78
N TYR B 458 38.83 -6.77 14.81
CA TYR B 458 38.13 -6.13 13.70
C TYR B 458 39.09 -6.01 12.52
N THR B 459 38.54 -5.88 11.31
CA THR B 459 39.35 -5.73 10.11
C THR B 459 40.01 -4.37 10.08
N ALA B 460 41.05 -4.23 9.27
CA ALA B 460 41.67 -2.93 9.08
C ALA B 460 40.67 -1.90 8.56
N GLU B 461 39.76 -2.31 7.67
CA GLU B 461 38.81 -1.34 7.12
C GLU B 461 37.71 -1.00 8.15
N GLU B 462 37.51 -1.87 9.12
CA GLU B 462 36.57 -1.56 10.20
C GLU B 462 37.18 -0.53 11.19
N GLU B 463 38.47 -0.65 11.46
CA GLU B 463 39.20 0.39 12.22
C GLU B 463 39.09 1.76 11.54
N ALA B 464 39.26 1.78 10.21
CA ALA B 464 39.19 3.02 9.44
C ALA B 464 37.79 3.62 9.53
N LEU B 465 36.78 2.77 9.45
CA LEU B 465 35.39 3.20 9.56
C LEU B 465 35.14 3.82 10.94
N SER B 466 35.54 3.12 12.00
CA SER B 466 35.42 3.65 13.35
C SER B 466 36.08 5.03 13.48
N ARG B 467 37.30 5.16 12.98
CA ARG B 467 38.02 6.43 13.08
C ARG B 467 37.28 7.54 12.35
N ARG B 468 36.71 7.23 11.18
CA ARG B 468 35.89 8.16 10.40
C ARG B 468 34.68 8.63 11.22
N ILE B 469 34.00 7.66 11.84
CA ILE B 469 32.80 7.94 12.61
C ILE B 469 33.11 8.74 13.88
N MET B 470 34.15 8.35 14.60
CA MET B 470 34.56 9.11 15.79
C MET B 470 34.91 10.56 15.39
N HIS B 471 35.56 10.73 14.25
CA HIS B 471 35.93 12.09 13.81
C HIS B 471 34.69 12.90 13.40
N TYR B 472 33.74 12.26 12.72
CA TYR B 472 32.45 12.92 12.40
C TYR B 472 31.74 13.39 13.67
N TRP B 473 31.55 12.48 14.62
CA TRP B 473 30.89 12.79 15.88
C TRP B 473 31.60 13.92 16.64
N ALA B 474 32.92 13.78 16.80
CA ALA B 474 33.70 14.77 17.55
C ALA B 474 33.77 16.11 16.82
N THR B 475 34.04 16.08 15.52
CA THR B 475 34.08 17.33 14.76
C THR B 475 32.72 18.02 14.80
N PHE B 476 31.64 17.25 14.65
CA PHE B 476 30.30 17.81 14.82
C PHE B 476 30.16 18.42 16.22
N ALA B 477 30.63 17.71 17.24
CA ALA B 477 30.56 18.20 18.60
C ALA B 477 31.26 19.55 18.74
N LYS B 478 32.45 19.67 18.12
CA LYS B 478 33.25 20.90 18.25
C LYS B 478 32.67 22.09 17.48
N THR B 479 32.05 21.83 16.34
CA THR B 479 31.74 22.88 15.36
C THR B 479 30.31 22.87 14.84
N GLY B 480 29.58 21.78 15.03
CA GLY B 480 28.22 21.67 14.55
C GLY B 480 28.17 21.15 13.13
N ASN B 481 29.29 20.59 12.69
CA ASN B 481 29.45 20.12 11.32
C ASN B 481 30.42 18.97 11.32
N PRO B 482 29.99 17.80 10.82
CA PRO B 482 30.84 16.60 10.92
C PRO B 482 32.03 16.70 9.99
N ASN B 483 31.95 17.63 9.05
CA ASN B 483 33.00 17.85 8.06
C ASN B 483 34.02 18.87 8.53
N GLU B 484 35.28 18.65 8.16
CA GLU B 484 36.28 19.70 8.22
C GLU B 484 36.36 20.39 6.87
N PRO B 485 35.79 21.60 6.74
CA PRO B 485 36.01 22.29 5.46
C PRO B 485 37.49 22.55 5.27
N HIS B 486 37.92 22.81 4.03
CA HIS B 486 39.33 22.89 3.66
C HIS B 486 39.97 21.51 3.58
N SER B 487 39.23 20.48 4.01
CA SER B 487 39.71 19.11 3.91
C SER B 487 39.49 18.54 2.52
N GLN B 488 40.12 17.40 2.27
CA GLN B 488 40.08 16.78 0.95
C GLN B 488 39.02 15.69 0.82
N GLU B 489 38.60 15.10 1.95
CA GLU B 489 37.69 13.95 1.90
C GLU B 489 36.29 14.34 1.49
N SER B 490 35.50 13.32 1.13
CA SER B 490 34.11 13.48 0.74
C SER B 490 33.32 14.19 1.82
N LYS B 491 32.40 15.06 1.39
CA LYS B 491 31.68 15.89 2.32
C LYS B 491 30.30 15.31 2.62
N TRP B 492 29.96 15.26 3.91
CA TRP B 492 28.65 14.81 4.36
C TRP B 492 27.70 16.00 4.28
N PRO B 493 26.74 15.96 3.34
CA PRO B 493 25.90 17.14 3.10
C PRO B 493 24.80 17.31 4.12
N LEU B 494 24.45 18.57 4.36
CA LEU B 494 23.30 18.93 5.17
C LEU B 494 22.01 18.28 4.66
N PHE B 495 21.25 17.70 5.58
CA PHE B 495 19.86 17.36 5.32
C PHE B 495 19.06 18.65 5.18
N THR B 496 18.39 18.83 4.06
CA THR B 496 17.55 19.99 3.87
C THR B 496 16.11 19.58 3.59
N THR B 497 15.17 20.48 3.87
CA THR B 497 13.76 20.17 3.67
C THR B 497 13.44 19.74 2.24
N LYS B 498 14.12 20.36 1.28
CA LYS B 498 13.83 20.13 -0.12
C LYS B 498 14.51 18.88 -0.61
N GLU B 499 15.80 18.73 -0.31
CA GLU B 499 16.56 17.65 -0.93
C GLU B 499 16.72 16.43 -0.02
N GLN B 500 16.60 16.61 1.29
CA GLN B 500 16.54 15.49 2.23
C GLN B 500 17.68 14.49 2.05
N LYS B 501 18.89 14.99 1.81
CA LYS B 501 20.05 14.11 1.63
C LYS B 501 20.51 13.45 2.92
N PHE B 502 21.10 12.27 2.77
CA PHE B 502 21.71 11.51 3.86
C PHE B 502 22.83 10.66 3.28
N ILE B 503 23.70 10.15 4.15
CA ILE B 503 24.80 9.29 3.69
C ILE B 503 24.74 7.90 4.30
N ASP B 504 25.33 6.94 3.61
CA ASP B 504 25.58 5.63 4.19
C ASP B 504 26.84 5.70 5.05
N LEU B 505 26.81 5.05 6.20
CA LEU B 505 28.03 4.82 6.95
C LEU B 505 28.41 3.34 6.81
N ASN B 506 29.52 3.09 6.14
CA ASN B 506 30.08 1.76 6.02
C ASN B 506 31.53 1.85 5.53
N THR B 507 32.09 0.72 5.10
CA THR B 507 33.52 0.67 4.77
C THR B 507 33.85 1.12 3.34
N GLU B 508 32.82 1.32 2.52
CA GLU B 508 32.97 1.81 1.15
C GLU B 508 33.00 3.34 1.07
N PRO B 509 33.56 3.87 -0.03
CA PRO B 509 33.50 5.29 -0.40
C PRO B 509 32.10 5.85 -0.21
N MET B 510 32.00 7.08 0.27
CA MET B 510 30.72 7.65 0.65
C MET B 510 29.75 7.71 -0.52
N LYS B 511 28.48 7.40 -0.24
CA LYS B 511 27.40 7.63 -1.19
C LYS B 511 26.39 8.59 -0.56
N VAL B 512 25.86 9.50 -1.35
CA VAL B 512 24.76 10.34 -0.90
C VAL B 512 23.45 9.83 -1.47
N HIS B 513 22.43 9.70 -0.64
CA HIS B 513 21.08 9.36 -1.08
C HIS B 513 20.11 10.45 -0.66
N GLN B 514 18.86 10.30 -1.07
CA GLN B 514 17.79 11.22 -0.69
C GLN B 514 16.55 10.46 -0.23
N ARG B 515 15.76 11.08 0.64
CA ARG B 515 14.50 10.51 1.12
C ARG B 515 14.66 9.10 1.68
N LEU B 516 15.24 9.01 2.88
CA LEU B 516 15.41 7.74 3.56
C LEU B 516 14.07 7.05 3.79
N ARG B 517 13.95 5.85 3.21
CA ARG B 517 12.74 5.04 3.22
C ARG B 517 11.41 5.84 3.16
N VAL B 518 11.34 6.78 2.22
CA VAL B 518 10.12 7.62 2.05
C VAL B 518 8.85 6.80 1.92
N GLN B 519 8.87 5.79 1.07
CA GLN B 519 7.63 5.07 0.74
C GLN B 519 7.01 4.52 2.01
N MET B 520 7.78 3.76 2.79
CA MET B 520 7.22 3.16 3.99
C MET B 520 6.91 4.24 5.03
N CYS B 521 7.75 5.24 5.14
CA CYS B 521 7.51 6.21 6.19
C CYS B 521 6.30 7.10 5.89
N VAL B 522 5.96 7.29 4.61
CA VAL B 522 4.69 7.94 4.29
C VAL B 522 3.54 7.07 4.81
N PHE B 523 3.68 5.76 4.66
CA PHE B 523 2.68 4.85 5.20
C PHE B 523 2.61 4.96 6.73
N TRP B 524 3.75 4.85 7.39
CA TRP B 524 3.74 4.85 8.86
C TRP B 524 3.40 6.22 9.43
N ASN B 525 3.80 7.29 8.74
CA ASN B 525 3.67 8.62 9.33
C ASN B 525 2.43 9.37 8.91
N GLN B 526 1.92 9.09 7.71
CA GLN B 526 0.73 9.78 7.24
C GLN B 526 -0.49 8.85 7.17
N PHE B 527 -0.40 7.79 6.38
CA PHE B 527 -1.59 6.99 6.13
C PHE B 527 -2.12 6.20 7.34
N LEU B 528 -1.27 5.38 7.96
CA LEU B 528 -1.76 4.49 9.02
C LEU B 528 -2.45 5.23 10.16
N PRO B 529 -1.83 6.31 10.69
CA PRO B 529 -2.48 7.09 11.75
C PRO B 529 -3.84 7.66 11.32
N LYS B 530 -3.98 8.05 10.05
CA LYS B 530 -5.30 8.49 9.57
C LYS B 530 -6.29 7.32 9.63
N LEU B 531 -5.84 6.16 9.19
CA LEU B 531 -6.71 4.98 9.20
C LEU B 531 -7.11 4.55 10.62
N LEU B 532 -6.17 4.57 11.54
CA LEU B 532 -6.48 4.13 12.91
C LEU B 532 -7.38 5.10 13.65
N ASN B 533 -7.36 6.36 13.24
CA ASN B 533 -8.19 7.41 13.83
C ASN B 533 -9.66 7.46 13.35
N ALA B 534 -9.96 6.82 12.23
CA ALA B 534 -11.33 6.79 11.73
C ALA B 534 -12.07 5.53 12.20
N THR B 535 -13.40 5.62 12.28
CA THR B 535 -14.20 4.42 12.58
C THR B 535 -15.58 4.43 11.90
#